data_8YBM
#
_entry.id   8YBM
#
_cell.length_a   48.199
_cell.length_b   85.588
_cell.length_c   176.510
_cell.angle_alpha   90.00
_cell.angle_beta   90.00
_cell.angle_gamma   90.00
#
_symmetry.space_group_name_H-M   'P 21 21 21'
#
loop_
_entity.id
_entity.type
_entity.pdbx_description
1 polymer 'Enterotoxin type B'
2 polymer 'nanobody SEB-Nb6'
3 water water
#
loop_
_entity_poly.entity_id
_entity_poly.type
_entity_poly.pdbx_seq_one_letter_code
_entity_poly.pdbx_strand_id
1 'polypeptide(L)'
;MESQPDPKPDELHKSSKFTGLMENMKVLYDDNHVSAINVKSIDQFLYFDLIYSIKDTKLGNYDNVRVEFKNKDLADKYKD
KYVDVFGANYYYQCYFSKKTNDINSHQTDKRKTCMYGGVTEHNGNQLDKYRSITVRVFEDGKNLLSFDVQTNKKKVTAQE
LDYLTRHYLVKNKKLYEFNNSPYETGYIKFIENENSFWYDMMPAPGDKFDQSKYLMMYNDNKMVDSKDVKIEVYLTTKKK
;
A,C
2 'polypeptide(L)'
;QVQLVESGGGSVQAGGSLRLSCGPSGYSDDSRFSMGWFRQAPGKEREGVAVINSHGDTAYADSVKGRFTISKDNGRNTLI
LQMNSLKPEDTAIYVCASTRAYQLYSGSRSLRPVDYDYWGQGTQVTVSS
;
B,D
#
# COMPACT_ATOMS: atom_id res chain seq x y z
N GLU A 2 -22.03 -1.43 10.49
CA GLU A 2 -22.55 -0.06 10.57
C GLU A 2 -22.20 0.59 11.91
N SER A 3 -22.61 1.86 12.06
CA SER A 3 -22.15 2.72 13.15
C SER A 3 -23.03 2.64 14.39
N GLN A 4 -22.41 2.50 15.56
CA GLN A 4 -23.14 2.56 16.82
C GLN A 4 -23.66 3.97 17.08
N PRO A 5 -24.96 4.16 17.39
CA PRO A 5 -25.46 5.50 17.74
C PRO A 5 -24.73 6.07 18.96
N ASP A 6 -24.41 7.36 18.91
CA ASP A 6 -23.81 8.06 20.04
C ASP A 6 -24.70 8.00 21.27
N PRO A 7 -24.11 8.03 22.48
CA PRO A 7 -24.89 7.93 23.71
C PRO A 7 -25.68 9.21 23.96
N LYS A 8 -26.99 9.05 24.21
CA LYS A 8 -27.79 10.10 24.79
C LYS A 8 -27.43 10.20 26.27
N PRO A 9 -27.66 11.35 26.94
CA PRO A 9 -27.15 11.52 28.30
C PRO A 9 -27.67 10.48 29.30
N ASP A 10 -28.92 10.07 29.15
CA ASP A 10 -29.50 9.09 30.08
C ASP A 10 -29.02 7.67 29.80
N GLU A 11 -28.28 7.45 28.71
CA GLU A 11 -27.66 6.15 28.45
C GLU A 11 -26.29 5.99 29.11
N LEU A 12 -25.80 7.04 29.76
CA LEU A 12 -24.46 7.03 30.32
C LEU A 12 -24.52 6.79 31.82
N HIS A 13 -23.54 6.03 32.32
CA HIS A 13 -23.45 5.78 33.74
C HIS A 13 -23.05 7.08 34.42
N LYS A 14 -23.70 7.38 35.54
CA LYS A 14 -23.42 8.56 36.33
C LYS A 14 -22.71 8.12 37.59
N SER A 15 -21.49 8.64 37.80
CA SER A 15 -20.66 8.20 38.91
C SER A 15 -21.32 8.48 40.26
N SER A 16 -22.19 9.49 40.34
CA SER A 16 -22.89 9.78 41.58
C SER A 16 -23.94 8.73 41.96
N LYS A 17 -24.28 7.83 41.03
CA LYS A 17 -25.13 6.69 41.35
C LYS A 17 -24.32 5.46 41.75
N PHE A 18 -22.99 5.57 41.64
CA PHE A 18 -22.08 4.51 42.05
C PHE A 18 -21.62 4.74 43.49
N THR A 19 -21.92 3.79 44.38
CA THR A 19 -21.55 3.89 45.78
C THR A 19 -20.51 2.87 46.23
N GLY A 20 -19.89 2.18 45.26
CA GLY A 20 -18.81 1.27 45.54
C GLY A 20 -17.45 1.98 45.57
N LEU A 21 -16.37 1.19 45.46
CA LEU A 21 -15.01 1.69 45.56
C LEU A 21 -14.41 1.93 44.18
N MET A 22 -14.16 3.20 43.84
CA MET A 22 -13.70 3.55 42.50
C MET A 22 -12.29 3.03 42.25
N GLU A 23 -11.53 2.78 43.32
CA GLU A 23 -10.20 2.19 43.19
C GLU A 23 -10.22 0.91 42.37
N ASN A 24 -11.32 0.15 42.46
CA ASN A 24 -11.37 -1.11 41.74
C ASN A 24 -11.49 -0.92 40.23
N MET A 25 -11.87 0.29 39.80
CA MET A 25 -11.81 0.67 38.40
C MET A 25 -10.41 1.24 38.08
N LYS A 26 -9.94 2.16 38.93
CA LYS A 26 -8.67 2.83 38.74
C LYS A 26 -7.50 1.89 38.46
N VAL A 27 -7.39 0.81 39.25
CA VAL A 27 -6.26 -0.11 39.13
C VAL A 27 -6.19 -0.80 37.76
N LEU A 28 -7.33 -0.93 37.08
CA LEU A 28 -7.34 -1.50 35.75
C LEU A 28 -6.59 -0.63 34.75
N TYR A 29 -6.53 0.68 35.02
CA TYR A 29 -5.93 1.62 34.09
C TYR A 29 -4.71 2.32 34.68
N ASP A 30 -4.13 1.71 35.72
CA ASP A 30 -2.86 2.12 36.30
C ASP A 30 -1.75 1.49 35.46
N ASP A 31 -0.51 1.61 35.93
CA ASP A 31 0.65 1.14 35.19
C ASP A 31 0.56 -0.31 34.71
N ASN A 32 0.13 -1.20 35.60
CA ASN A 32 0.22 -2.62 35.34
C ASN A 32 -0.86 -3.08 34.36
N HIS A 33 -0.42 -3.82 33.35
CA HIS A 33 -1.27 -4.39 32.32
C HIS A 33 -0.51 -5.56 31.71
N VAL A 34 -1.20 -6.35 30.88
CA VAL A 34 -0.58 -7.46 30.17
C VAL A 34 -0.10 -6.96 28.80
N SER A 35 1.12 -7.38 28.45
CA SER A 35 1.76 -7.04 27.20
C SER A 35 2.73 -8.16 26.82
N ALA A 36 2.42 -8.89 25.75
CA ALA A 36 3.33 -9.90 25.23
C ALA A 36 3.50 -9.74 23.72
N ILE A 37 4.71 -10.03 23.24
CA ILE A 37 5.07 -9.90 21.85
C ILE A 37 5.38 -11.27 21.25
N ASN A 38 4.68 -11.63 20.18
CA ASN A 38 4.99 -12.82 19.40
C ASN A 38 4.98 -14.08 20.26
N VAL A 39 3.82 -14.37 20.86
CA VAL A 39 3.65 -15.55 21.69
C VAL A 39 2.54 -16.40 21.06
N LYS A 40 2.53 -17.69 21.39
CA LYS A 40 1.50 -18.61 20.93
C LYS A 40 0.87 -19.29 22.14
N SER A 41 -0.44 -19.52 22.09
CA SER A 41 -1.16 -20.14 23.20
C SER A 41 -0.57 -21.51 23.49
N ILE A 42 -0.44 -21.84 24.78
CA ILE A 42 0.10 -23.12 25.23
C ILE A 42 -1.00 -24.09 25.69
N ASP A 43 -2.22 -23.58 25.89
CA ASP A 43 -3.30 -24.39 26.43
C ASP A 43 -4.64 -23.69 26.21
N GLN A 44 -5.71 -24.38 26.61
CA GLN A 44 -7.07 -23.87 26.54
C GLN A 44 -7.88 -24.57 27.64
N PHE A 45 -8.69 -23.80 28.37
CA PHE A 45 -9.54 -24.38 29.40
C PHE A 45 -10.93 -24.61 28.81
N LEU A 46 -11.61 -23.53 28.41
CA LEU A 46 -12.91 -23.61 27.75
C LEU A 46 -12.79 -23.20 26.28
N TYR A 47 -13.83 -23.52 25.50
CA TYR A 47 -13.81 -23.35 24.06
C TYR A 47 -13.69 -21.90 23.60
N PHE A 48 -13.96 -20.97 24.51
CA PHE A 48 -13.92 -19.56 24.18
C PHE A 48 -12.72 -18.86 24.83
N ASP A 49 -11.75 -19.63 25.34
CA ASP A 49 -10.53 -19.03 25.86
C ASP A 49 -9.28 -19.61 25.22
N LEU A 50 -8.15 -18.93 25.45
CA LEU A 50 -6.82 -19.40 25.16
C LEU A 50 -5.91 -19.03 26.35
N ILE A 51 -4.91 -19.87 26.62
CA ILE A 51 -4.00 -19.66 27.74
C ILE A 51 -2.59 -19.47 27.20
N TYR A 52 -1.91 -18.41 27.66
CA TYR A 52 -0.57 -18.07 27.24
C TYR A 52 0.37 -18.11 28.45
N SER A 53 1.66 -18.35 28.19
CA SER A 53 2.68 -18.22 29.21
C SER A 53 3.42 -16.90 29.02
N ILE A 54 3.12 -15.93 29.89
CA ILE A 54 3.61 -14.56 29.79
C ILE A 54 4.33 -14.14 31.08
N LYS A 55 5.47 -13.46 30.92
CA LYS A 55 6.27 -13.02 32.04
C LYS A 55 5.71 -11.76 32.70
N ASP A 56 5.72 -11.75 34.04
CA ASP A 56 5.23 -10.66 34.84
C ASP A 56 6.24 -9.53 35.02
N THR A 57 7.52 -9.90 35.24
CA THR A 57 8.59 -8.95 35.51
C THR A 57 8.52 -8.54 37.00
N ASP A 63 2.57 -15.21 35.54
CA ASP A 63 3.12 -16.29 34.73
C ASP A 63 2.22 -16.78 33.59
N ASN A 64 0.97 -17.16 33.90
CA ASN A 64 0.04 -17.67 32.90
C ASN A 64 -1.13 -16.70 32.75
N VAL A 65 -1.51 -16.41 31.51
CA VAL A 65 -2.60 -15.51 31.24
C VAL A 65 -3.70 -16.25 30.49
N ARG A 66 -4.91 -16.26 31.07
CA ARG A 66 -6.08 -16.76 30.39
C ARG A 66 -6.77 -15.61 29.68
N VAL A 67 -6.80 -15.68 28.35
CA VAL A 67 -7.56 -14.75 27.53
C VAL A 67 -8.92 -15.37 27.22
N GLU A 68 -9.99 -14.66 27.61
CA GLU A 68 -11.36 -15.03 27.25
C GLU A 68 -11.87 -14.23 26.05
N PHE A 69 -12.53 -14.92 25.12
CA PHE A 69 -13.22 -14.30 24.00
C PHE A 69 -14.74 -14.50 24.04
N LYS A 70 -15.43 -13.72 23.20
CA LYS A 70 -16.87 -13.68 23.13
C LYS A 70 -17.46 -14.96 22.56
N ASN A 71 -16.70 -15.62 21.67
CA ASN A 71 -17.20 -16.83 21.01
C ASN A 71 -16.05 -17.78 20.66
N LYS A 72 -16.43 -18.98 20.21
CA LYS A 72 -15.51 -20.02 19.81
C LYS A 72 -14.64 -19.66 18.61
N ASP A 73 -15.21 -18.89 17.68
CA ASP A 73 -14.54 -18.54 16.44
C ASP A 73 -13.30 -17.70 16.69
N LEU A 74 -13.36 -16.80 17.68
CA LEU A 74 -12.20 -16.00 18.05
C LEU A 74 -11.09 -16.88 18.64
N ALA A 75 -11.45 -17.78 19.56
CA ALA A 75 -10.49 -18.70 20.15
C ALA A 75 -9.83 -19.56 19.07
N ASP A 76 -10.64 -20.11 18.16
CA ASP A 76 -10.15 -20.97 17.10
C ASP A 76 -9.22 -20.24 16.15
N LYS A 77 -9.54 -18.97 15.86
CA LYS A 77 -8.75 -18.16 14.94
C LYS A 77 -7.31 -17.98 15.44
N TYR A 78 -7.14 -17.76 16.75
CA TYR A 78 -5.85 -17.43 17.29
C TYR A 78 -5.11 -18.58 17.97
N LYS A 79 -5.78 -19.73 18.11
CA LYS A 79 -5.25 -20.83 18.90
C LYS A 79 -3.80 -21.17 18.54
N ASP A 80 -3.50 -21.35 17.26
CA ASP A 80 -2.16 -21.73 16.85
C ASP A 80 -1.37 -20.63 16.14
N LYS A 81 -1.73 -19.37 16.39
CA LYS A 81 -1.06 -18.25 15.76
C LYS A 81 -0.11 -17.58 16.74
N TYR A 82 1.01 -17.09 16.20
CA TYR A 82 1.89 -16.20 16.94
C TYR A 82 1.25 -14.82 16.95
N VAL A 83 1.04 -14.29 18.16
CA VAL A 83 0.22 -13.11 18.37
C VAL A 83 0.92 -12.15 19.31
N ASP A 84 0.40 -10.93 19.34
CA ASP A 84 0.70 -9.95 20.37
C ASP A 84 -0.53 -9.87 21.26
N VAL A 85 -0.28 -9.68 22.56
CA VAL A 85 -1.33 -9.67 23.57
C VAL A 85 -1.20 -8.34 24.28
N PHE A 86 -2.30 -7.60 24.40
CA PHE A 86 -2.31 -6.35 25.14
C PHE A 86 -3.67 -6.20 25.81
N GLY A 87 -3.68 -6.02 27.13
CA GLY A 87 -4.94 -5.76 27.79
C GLY A 87 -4.86 -5.50 29.29
N ALA A 88 -5.99 -5.01 29.83
CA ALA A 88 -6.19 -4.85 31.26
C ALA A 88 -6.63 -6.19 31.86
N ASN A 89 -5.98 -6.60 32.94
CA ASN A 89 -6.15 -7.94 33.47
C ASN A 89 -6.71 -7.86 34.88
N TYR A 90 -7.23 -8.99 35.38
CA TYR A 90 -7.73 -9.06 36.75
C TYR A 90 -7.37 -10.39 37.41
N TYR A 91 -7.54 -10.42 38.73
CA TYR A 91 -7.22 -11.58 39.55
C TYR A 91 -8.46 -12.10 40.27
N TYR A 92 -9.26 -11.20 40.86
CA TYR A 92 -10.45 -11.57 41.60
C TYR A 92 -11.41 -12.34 40.71
N GLN A 93 -11.80 -13.55 41.13
CA GLN A 93 -12.66 -14.44 40.36
C GLN A 93 -12.02 -14.85 39.04
N CYS A 94 -10.68 -14.92 39.05
CA CYS A 94 -9.94 -15.48 37.95
C CYS A 94 -9.73 -16.96 38.22
N TYR A 95 -10.40 -17.81 37.42
CA TYR A 95 -10.28 -19.25 37.55
C TYR A 95 -9.83 -19.89 36.24
N PHE A 96 -9.07 -20.99 36.37
CA PHE A 96 -8.94 -21.98 35.31
C PHE A 96 -8.15 -23.17 35.84
N SER A 97 -8.57 -24.38 35.46
CA SER A 97 -8.03 -25.63 35.97
C SER A 97 -7.92 -26.67 34.87
N LYS A 112 -1.28 -16.67 37.71
CA LYS A 112 -2.71 -16.77 37.39
C LYS A 112 -3.38 -15.41 37.24
N THR A 113 -3.57 -14.97 35.99
CA THR A 113 -4.35 -13.77 35.75
C THR A 113 -5.23 -13.96 34.51
N CYS A 114 -6.28 -13.13 34.42
CA CYS A 114 -7.27 -13.22 33.37
C CYS A 114 -7.43 -11.88 32.66
N MET A 115 -7.81 -11.95 31.38
CA MET A 115 -8.18 -10.78 30.61
C MET A 115 -9.14 -11.19 29.49
N TYR A 116 -9.62 -10.21 28.73
CA TYR A 116 -10.50 -10.45 27.61
C TYR A 116 -9.90 -9.85 26.35
N GLY A 117 -10.03 -10.58 25.24
CA GLY A 117 -9.61 -10.09 23.93
C GLY A 117 -8.13 -9.67 23.93
N GLY A 118 -7.85 -8.53 23.27
CA GLY A 118 -6.52 -7.95 23.28
C GLY A 118 -5.46 -8.68 22.44
N VAL A 119 -5.91 -9.47 21.46
CA VAL A 119 -5.02 -10.35 20.70
C VAL A 119 -4.97 -9.94 19.22
N THR A 120 -3.75 -9.84 18.67
CA THR A 120 -3.55 -9.51 17.26
C THR A 120 -2.46 -10.39 16.69
N GLU A 121 -2.60 -10.83 15.44
CA GLU A 121 -1.52 -11.52 14.75
C GLU A 121 -0.24 -10.69 14.80
N HIS A 122 0.89 -11.35 15.09
CA HIS A 122 2.17 -10.67 15.10
C HIS A 122 2.63 -10.33 13.69
N ASN A 123 2.73 -11.37 12.85
CA ASN A 123 3.32 -11.26 11.53
C ASN A 123 2.52 -10.38 10.59
N GLY A 124 3.22 -9.46 9.93
CA GLY A 124 2.60 -8.52 9.00
C GLY A 124 1.86 -7.37 9.66
N ASN A 125 1.87 -7.28 11.00
CA ASN A 125 1.12 -6.26 11.71
C ASN A 125 2.00 -5.20 12.36
N GLN A 126 3.32 -5.32 12.18
CA GLN A 126 4.28 -4.44 12.86
C GLN A 126 4.58 -3.21 12.00
N LEU A 127 4.53 -2.02 12.62
CA LEU A 127 5.03 -0.79 12.01
C LEU A 127 6.54 -0.70 12.26
N ASP A 128 7.23 0.07 11.43
CA ASP A 128 8.64 0.38 11.65
C ASP A 128 8.82 1.14 12.97
N LYS A 129 8.04 2.21 13.12
CA LYS A 129 8.11 3.11 14.25
C LYS A 129 6.79 3.12 15.02
N TYR A 130 6.86 3.59 16.27
CA TYR A 130 5.67 3.94 17.02
C TYR A 130 4.95 5.08 16.30
N ARG A 131 3.62 5.00 16.30
CA ARG A 131 2.76 5.96 15.61
C ARG A 131 1.83 6.62 16.62
N SER A 132 1.83 7.96 16.62
CA SER A 132 1.02 8.77 17.51
C SER A 132 -0.40 8.97 16.97
N ILE A 133 -1.38 8.79 17.86
CA ILE A 133 -2.79 9.01 17.56
C ILE A 133 -3.34 10.05 18.52
N THR A 134 -3.90 11.13 17.98
CA THR A 134 -4.53 12.15 18.79
C THR A 134 -5.70 11.62 19.61
N VAL A 135 -5.74 12.03 20.88
CA VAL A 135 -6.91 11.90 21.72
C VAL A 135 -7.39 13.33 22.00
N ARG A 136 -8.63 13.57 21.59
CA ARG A 136 -9.31 14.88 21.85
C ARG A 136 -10.20 14.73 23.10
N VAL A 137 -9.98 15.53 24.13
CA VAL A 137 -10.75 15.47 25.35
C VAL A 137 -11.72 16.64 25.42
N PHE A 138 -13.00 16.32 25.59
CA PHE A 138 -14.06 17.31 25.77
C PHE A 138 -14.59 17.21 27.20
N GLU A 139 -14.82 18.39 27.80
CA GLU A 139 -15.35 18.48 29.15
C GLU A 139 -16.51 19.47 29.10
N ASP A 140 -17.71 18.97 29.37
CA ASP A 140 -18.92 19.78 29.39
C ASP A 140 -19.11 20.47 28.04
N GLY A 141 -18.85 19.69 26.98
CA GLY A 141 -19.00 20.17 25.61
C GLY A 141 -17.88 21.10 25.13
N LYS A 142 -16.89 21.38 25.99
CA LYS A 142 -15.80 22.28 25.64
C LYS A 142 -14.55 21.47 25.30
N ASN A 143 -13.78 21.97 24.33
CA ASN A 143 -12.47 21.45 24.00
C ASN A 143 -11.51 21.69 25.16
N LEU A 144 -11.19 20.64 25.93
CA LEU A 144 -10.37 20.77 27.11
C LEU A 144 -8.89 20.63 26.78
N LEU A 145 -8.51 19.49 26.22
CA LEU A 145 -7.12 19.24 25.87
C LEU A 145 -7.00 18.14 24.83
N SER A 146 -5.82 18.05 24.21
CA SER A 146 -5.48 16.91 23.38
C SER A 146 -4.16 16.33 23.85
N PHE A 147 -3.97 15.04 23.61
CA PHE A 147 -2.71 14.37 23.82
C PHE A 147 -2.60 13.24 22.79
N ASP A 148 -1.49 12.50 22.85
CA ASP A 148 -1.24 11.38 21.96
C ASP A 148 -1.16 10.08 22.74
N VAL A 149 -1.68 9.02 22.11
CA VAL A 149 -1.32 7.65 22.44
C VAL A 149 -0.54 7.11 21.25
N GLN A 150 0.24 6.06 21.50
CA GLN A 150 1.14 5.47 20.53
C GLN A 150 0.93 3.97 20.40
N THR A 151 1.12 3.44 19.19
CA THR A 151 1.17 2.01 18.94
C THR A 151 2.10 1.74 17.78
N ASN A 152 2.67 0.54 17.75
CA ASN A 152 3.48 0.10 16.64
C ASN A 152 2.76 -0.95 15.80
N LYS A 153 1.45 -1.07 15.99
CA LYS A 153 0.62 -2.01 15.26
C LYS A 153 -0.17 -1.34 14.14
N LYS A 154 -0.31 -2.05 13.00
CA LYS A 154 -1.16 -1.60 11.92
C LYS A 154 -2.62 -1.72 12.38
N LYS A 155 -2.99 -2.93 12.79
CA LYS A 155 -4.28 -3.20 13.38
C LYS A 155 -4.08 -3.31 14.88
N VAL A 156 -4.79 -2.49 15.64
CA VAL A 156 -4.67 -2.47 17.09
C VAL A 156 -6.05 -2.66 17.70
N THR A 157 -6.10 -3.37 18.84
CA THR A 157 -7.36 -3.54 19.54
C THR A 157 -7.80 -2.19 20.11
N ALA A 158 -9.11 -1.95 20.07
CA ALA A 158 -9.68 -0.81 20.75
C ALA A 158 -9.32 -0.86 22.23
N GLN A 159 -9.25 -2.07 22.81
CA GLN A 159 -8.82 -2.23 24.19
C GLN A 159 -7.46 -1.57 24.46
N GLU A 160 -6.48 -1.81 23.59
CA GLU A 160 -5.15 -1.24 23.77
C GLU A 160 -5.22 0.29 23.78
N LEU A 161 -5.91 0.87 22.80
CA LEU A 161 -6.02 2.33 22.70
C LEU A 161 -6.81 2.92 23.86
N ASP A 162 -7.85 2.19 24.29
CA ASP A 162 -8.65 2.59 25.44
C ASP A 162 -7.82 2.62 26.72
N TYR A 163 -7.07 1.54 26.98
CA TYR A 163 -6.18 1.50 28.13
C TYR A 163 -5.19 2.68 28.15
N LEU A 164 -4.49 2.89 27.03
CA LEU A 164 -3.52 3.96 26.93
C LEU A 164 -4.15 5.34 27.17
N THR A 165 -5.35 5.54 26.61
CA THR A 165 -6.09 6.79 26.75
C THR A 165 -6.42 7.03 28.22
N ARG A 166 -6.97 6.02 28.89
CA ARG A 166 -7.39 6.18 30.27
C ARG A 166 -6.20 6.29 31.22
N HIS A 167 -5.14 5.54 30.93
CA HIS A 167 -3.91 5.64 31.70
C HIS A 167 -3.38 7.08 31.75
N TYR A 168 -3.34 7.74 30.60
CA TYR A 168 -2.98 9.13 30.54
C TYR A 168 -3.90 10.00 31.40
N LEU A 169 -5.22 9.78 31.27
CA LEU A 169 -6.20 10.60 31.96
C LEU A 169 -6.23 10.33 33.46
N VAL A 170 -5.92 9.09 33.87
CA VAL A 170 -5.74 8.82 35.28
C VAL A 170 -4.56 9.61 35.84
N LYS A 171 -3.40 9.53 35.17
CA LYS A 171 -2.22 10.26 35.61
C LYS A 171 -2.42 11.78 35.63
N ASN A 172 -3.05 12.33 34.59
CA ASN A 172 -3.03 13.77 34.36
C ASN A 172 -4.31 14.52 34.70
N LYS A 173 -5.44 13.81 34.78
CA LYS A 173 -6.72 14.41 35.13
C LYS A 173 -7.45 13.73 36.28
N LYS A 174 -6.79 12.77 36.93
CA LYS A 174 -7.38 12.04 38.04
C LYS A 174 -8.75 11.48 37.67
N LEU A 175 -8.84 10.94 36.45
CA LEU A 175 -10.08 10.38 35.94
C LEU A 175 -10.75 9.48 36.97
N TYR A 176 -9.96 8.56 37.54
CA TYR A 176 -10.42 7.74 38.65
C TYR A 176 -9.54 8.01 39.86
N GLU A 177 -10.16 8.10 41.03
CA GLU A 177 -9.43 8.21 42.30
C GLU A 177 -9.82 7.02 43.17
N PHE A 178 -9.32 7.01 44.40
CA PHE A 178 -9.57 5.92 45.32
C PHE A 178 -11.07 5.74 45.59
N ASN A 179 -11.72 6.83 46.00
CA ASN A 179 -13.12 6.77 46.39
C ASN A 179 -14.11 6.96 45.23
N ASN A 180 -13.86 8.00 44.42
CA ASN A 180 -14.80 8.42 43.40
C ASN A 180 -14.07 9.01 42.19
N SER A 181 -14.79 9.81 41.40
CA SER A 181 -14.22 10.53 40.28
C SER A 181 -14.67 12.00 40.28
N PRO A 182 -13.84 12.93 39.78
CA PRO A 182 -14.27 14.33 39.63
C PRO A 182 -15.33 14.47 38.54
N TYR A 183 -15.45 13.45 37.69
CA TYR A 183 -16.37 13.47 36.56
C TYR A 183 -17.63 12.67 36.84
N GLU A 184 -18.77 13.22 36.40
CA GLU A 184 -20.06 12.59 36.53
C GLU A 184 -20.21 11.51 35.46
N THR A 185 -19.92 11.85 34.20
CA THR A 185 -19.95 10.90 33.11
C THR A 185 -18.68 10.95 32.28
N GLY A 186 -18.44 9.86 31.56
CA GLY A 186 -17.28 9.73 30.70
C GLY A 186 -17.45 8.59 29.70
N TYR A 187 -17.30 8.91 28.40
CA TYR A 187 -17.20 7.87 27.41
C TYR A 187 -16.09 8.16 26.39
N ILE A 188 -15.52 7.07 25.87
CA ILE A 188 -14.51 7.13 24.83
C ILE A 188 -15.17 6.68 23.54
N LYS A 189 -14.95 7.47 22.49
CA LYS A 189 -15.50 7.20 21.18
C LYS A 189 -14.37 6.94 20.19
N PHE A 190 -14.50 5.84 19.44
CA PHE A 190 -13.59 5.50 18.36
C PHE A 190 -14.29 5.77 17.04
N ILE A 191 -13.61 6.47 16.14
CA ILE A 191 -14.16 6.83 14.84
C ILE A 191 -13.26 6.29 13.75
N GLU A 192 -13.83 5.46 12.87
CA GLU A 192 -13.10 4.87 11.77
C GLU A 192 -13.83 5.16 10.45
N ASN A 193 -13.39 6.18 9.74
CA ASN A 193 -14.07 6.64 8.54
C ASN A 193 -15.53 6.89 8.89
N GLU A 194 -16.46 6.14 8.28
CA GLU A 194 -17.89 6.34 8.50
C GLU A 194 -18.32 5.86 9.89
N ASN A 195 -17.80 4.71 10.31
CA ASN A 195 -18.30 4.00 11.49
C ASN A 195 -17.65 4.44 12.80
N SER A 196 -18.46 4.46 13.85
CA SER A 196 -17.98 4.77 15.20
C SER A 196 -18.60 3.82 16.21
N PHE A 197 -17.95 3.71 17.37
CA PHE A 197 -18.47 2.97 18.50
C PHE A 197 -17.86 3.58 19.75
N TRP A 198 -18.47 3.28 20.91
CA TRP A 198 -18.06 3.94 22.15
C TRP A 198 -18.16 3.00 23.35
N TYR A 199 -17.37 3.28 24.39
CA TYR A 199 -17.43 2.57 25.65
C TYR A 199 -17.69 3.52 26.81
N ASP A 200 -18.54 3.09 27.74
CA ASP A 200 -18.80 3.81 28.97
C ASP A 200 -17.63 3.61 29.93
N MET A 201 -17.05 4.72 30.40
CA MET A 201 -15.86 4.70 31.21
C MET A 201 -16.16 4.64 32.71
N MET A 202 -17.44 4.83 33.06
CA MET A 202 -17.84 4.85 34.46
C MET A 202 -18.43 3.50 34.82
N PRO A 203 -18.38 3.12 36.13
CA PRO A 203 -19.04 1.90 36.59
C PRO A 203 -20.55 2.02 36.55
N ALA A 204 -21.22 0.88 36.41
CA ALA A 204 -22.66 0.80 36.52
C ALA A 204 -23.11 1.25 37.90
N PRO A 205 -24.36 1.74 38.06
CA PRO A 205 -24.79 2.28 39.36
C PRO A 205 -24.93 1.15 40.39
N GLY A 206 -24.89 1.51 41.67
CA GLY A 206 -24.97 0.55 42.76
C GLY A 206 -23.69 0.48 43.59
N ASP A 207 -23.64 -0.49 44.50
CA ASP A 207 -22.51 -0.70 45.40
C ASP A 207 -21.47 -1.66 44.81
N LYS A 208 -21.89 -2.48 43.85
CA LYS A 208 -21.03 -3.54 43.38
C LYS A 208 -20.33 -3.09 42.10
N PHE A 209 -19.05 -3.44 41.98
CA PHE A 209 -18.31 -3.30 40.74
C PHE A 209 -17.44 -4.53 40.63
N ASP A 210 -17.64 -5.30 39.57
CA ASP A 210 -16.89 -6.51 39.30
C ASP A 210 -15.97 -6.27 38.10
N GLN A 211 -14.65 -6.39 38.32
CA GLN A 211 -13.66 -6.14 37.28
C GLN A 211 -13.88 -7.07 36.09
N SER A 212 -14.04 -8.36 36.38
CA SER A 212 -14.28 -9.36 35.35
C SER A 212 -15.50 -9.02 34.49
N LYS A 213 -16.59 -8.60 35.13
CA LYS A 213 -17.77 -8.21 34.38
C LYS A 213 -17.53 -6.98 33.53
N TYR A 214 -16.83 -5.98 34.08
CA TYR A 214 -16.58 -4.73 33.35
C TYR A 214 -15.72 -4.97 32.11
N LEU A 215 -14.61 -5.68 32.30
CA LEU A 215 -13.63 -5.90 31.26
C LEU A 215 -14.13 -6.78 30.12
N MET A 216 -15.20 -7.55 30.38
CA MET A 216 -15.76 -8.44 29.39
C MET A 216 -16.23 -7.68 28.13
N MET A 217 -16.46 -6.37 28.25
CA MET A 217 -16.79 -5.56 27.08
C MET A 217 -15.71 -5.65 25.98
N TYR A 218 -14.47 -5.96 26.36
CA TYR A 218 -13.40 -6.14 25.40
C TYR A 218 -13.32 -7.52 24.75
N ASN A 219 -14.28 -8.42 25.05
CA ASN A 219 -14.12 -9.82 24.67
C ASN A 219 -14.40 -10.07 23.19
N ASP A 220 -14.92 -9.06 22.48
CA ASP A 220 -15.10 -9.18 21.03
C ASP A 220 -13.80 -9.01 20.24
N ASN A 221 -12.70 -8.64 20.92
CA ASN A 221 -11.41 -8.45 20.28
C ASN A 221 -11.47 -7.43 19.15
N LYS A 222 -12.29 -6.39 19.35
CA LYS A 222 -12.51 -5.38 18.33
C LYS A 222 -11.20 -4.66 18.02
N MET A 223 -10.93 -4.50 16.72
CA MET A 223 -9.69 -3.95 16.20
C MET A 223 -9.98 -2.73 15.34
N VAL A 224 -8.99 -1.83 15.26
CA VAL A 224 -9.06 -0.67 14.40
C VAL A 224 -7.73 -0.46 13.68
N ASP A 225 -7.78 0.28 12.58
CA ASP A 225 -6.57 0.61 11.83
C ASP A 225 -5.95 1.86 12.46
N SER A 226 -4.70 1.71 12.92
CA SER A 226 -3.97 2.80 13.56
C SER A 226 -3.69 3.96 12.61
N LYS A 227 -3.73 3.70 11.30
CA LYS A 227 -3.58 4.74 10.30
C LYS A 227 -4.72 5.77 10.32
N ASP A 228 -5.94 5.30 10.61
CA ASP A 228 -7.19 6.01 10.34
C ASP A 228 -8.05 6.35 11.55
N VAL A 229 -8.01 5.49 12.58
CA VAL A 229 -8.88 5.63 13.73
C VAL A 229 -8.66 6.93 14.48
N LYS A 230 -9.76 7.60 14.85
CA LYS A 230 -9.70 8.78 15.68
C LYS A 230 -10.30 8.47 17.05
N ILE A 231 -9.76 9.11 18.09
CA ILE A 231 -10.20 8.91 19.45
C ILE A 231 -10.71 10.22 20.03
N GLU A 232 -11.90 10.16 20.65
CA GLU A 232 -12.49 11.29 21.36
C GLU A 232 -12.96 10.82 22.74
N VAL A 233 -12.71 11.65 23.75
CA VAL A 233 -13.21 11.41 25.10
C VAL A 233 -14.14 12.54 25.51
N TYR A 234 -15.37 12.18 25.90
CA TYR A 234 -16.34 13.12 26.41
C TYR A 234 -16.52 12.95 27.93
N LEU A 235 -16.19 13.99 28.68
CA LEU A 235 -16.35 14.02 30.12
C LEU A 235 -17.36 15.10 30.50
N THR A 236 -18.15 14.84 31.55
CA THR A 236 -18.91 15.89 32.22
C THR A 236 -18.53 15.93 33.69
N THR A 237 -18.57 17.15 34.26
CA THR A 237 -18.27 17.39 35.66
C THR A 237 -19.56 17.43 36.48
N LYS A 238 -19.42 17.38 37.80
CA LYS A 238 -20.53 17.18 38.72
C LYS A 238 -21.24 18.52 39.09
N VAL B 2 -11.16 29.46 10.69
CA VAL B 2 -9.70 29.42 10.62
C VAL B 2 -9.23 29.29 9.18
N GLN B 3 -8.23 30.11 8.82
CA GLN B 3 -7.63 30.11 7.50
C GLN B 3 -6.11 29.94 7.61
N LEU B 4 -5.53 29.21 6.66
CA LEU B 4 -4.10 28.96 6.64
C LEU B 4 -3.58 29.27 5.25
N VAL B 5 -2.67 30.24 5.18
CA VAL B 5 -2.17 30.77 3.92
C VAL B 5 -0.65 30.66 3.91
N GLU B 6 -0.12 29.75 3.07
CA GLU B 6 1.30 29.47 3.04
C GLU B 6 2.04 30.41 2.08
N SER B 7 3.34 30.59 2.36
CA SER B 7 4.22 31.30 1.45
C SER B 7 5.63 30.74 1.64
N GLY B 8 6.53 31.11 0.72
CA GLY B 8 7.94 30.73 0.81
C GLY B 8 8.32 29.46 0.04
N GLY B 9 7.36 28.91 -0.71
CA GLY B 9 7.68 27.82 -1.63
C GLY B 9 8.65 28.28 -2.73
N GLY B 10 9.15 27.32 -3.50
CA GLY B 10 10.00 27.66 -4.63
C GLY B 10 10.82 26.46 -5.08
N SER B 11 11.91 26.75 -5.77
CA SER B 11 12.78 25.72 -6.29
C SER B 11 14.23 26.03 -5.96
N VAL B 12 14.99 24.98 -5.66
CA VAL B 12 16.43 25.09 -5.48
C VAL B 12 17.13 23.85 -6.01
N GLN B 13 18.45 23.98 -6.22
CA GLN B 13 19.33 22.85 -6.44
C GLN B 13 19.36 21.97 -5.19
N ALA B 14 19.66 20.69 -5.39
CA ALA B 14 19.96 19.80 -4.27
C ALA B 14 21.01 20.47 -3.38
N GLY B 15 20.89 20.27 -2.06
CA GLY B 15 21.76 20.90 -1.09
C GLY B 15 21.27 22.27 -0.63
N GLY B 16 20.26 22.82 -1.31
CA GLY B 16 19.76 24.15 -1.04
C GLY B 16 18.85 24.28 0.19
N SER B 17 18.26 25.47 0.34
CA SER B 17 17.41 25.83 1.46
C SER B 17 16.19 26.60 1.01
N LEU B 18 15.06 26.35 1.68
CA LEU B 18 13.84 27.13 1.55
C LEU B 18 13.23 27.30 2.95
N ARG B 19 12.40 28.34 3.09
CA ARG B 19 11.77 28.67 4.36
C ARG B 19 10.29 28.87 4.08
N LEU B 20 9.47 27.90 4.50
CA LEU B 20 8.03 28.01 4.37
C LEU B 20 7.46 28.74 5.58
N SER B 21 6.38 29.48 5.36
CA SER B 21 5.77 30.30 6.39
C SER B 21 4.25 30.21 6.28
N CYS B 22 3.57 30.16 7.43
CA CYS B 22 2.11 30.24 7.44
C CYS B 22 1.58 31.09 8.58
N GLY B 23 0.81 32.12 8.22
CA GLY B 23 0.10 32.95 9.19
C GLY B 23 -1.34 32.48 9.41
N PRO B 24 -1.67 31.81 10.53
CA PRO B 24 -3.06 31.40 10.79
C PRO B 24 -3.92 32.58 11.19
N SER B 25 -5.10 32.69 10.58
CA SER B 25 -6.11 33.64 11.03
C SER B 25 -7.28 32.85 11.61
N GLY B 26 -8.03 33.50 12.51
CA GLY B 26 -9.25 32.93 13.06
C GLY B 26 -9.12 32.44 14.50
N TYR B 27 -7.88 32.39 15.00
CA TYR B 27 -7.64 32.01 16.38
C TYR B 27 -7.60 33.22 17.30
N SER B 28 -7.84 32.97 18.59
CA SER B 28 -7.65 33.97 19.62
C SER B 28 -6.18 33.99 20.05
N ASP B 29 -5.80 35.10 20.69
CA ASP B 29 -4.45 35.30 21.19
C ASP B 29 -3.97 34.17 22.10
N ASP B 30 -4.87 33.65 22.96
CA ASP B 30 -4.50 32.59 23.87
C ASP B 30 -5.06 31.21 23.49
N SER B 31 -5.37 31.00 22.20
CA SER B 31 -5.79 29.70 21.71
C SER B 31 -4.63 28.72 21.80
N ARG B 32 -4.90 27.54 22.36
CA ARG B 32 -3.92 26.46 22.42
C ARG B 32 -4.28 25.41 21.37
N PHE B 33 -3.43 25.27 20.37
CA PHE B 33 -3.67 24.35 19.27
C PHE B 33 -2.35 23.79 18.75
N SER B 34 -2.46 22.73 17.93
CA SER B 34 -1.28 22.16 17.29
C SER B 34 -1.27 22.52 15.81
N MET B 35 -0.07 22.54 15.24
CA MET B 35 0.13 22.90 13.85
C MET B 35 1.19 21.99 13.24
N GLY B 36 1.09 21.79 11.92
CA GLY B 36 2.02 20.93 11.22
C GLY B 36 2.20 21.28 9.76
N TRP B 37 3.25 20.69 9.19
CA TRP B 37 3.54 20.76 7.77
C TRP B 37 3.40 19.35 7.23
N PHE B 38 2.61 19.22 6.17
CA PHE B 38 2.44 17.99 5.44
C PHE B 38 2.92 18.22 4.02
N ARG B 39 3.24 17.12 3.31
CA ARG B 39 3.56 17.20 1.90
C ARG B 39 2.97 16.02 1.12
N GLN B 40 2.77 16.26 -0.18
CA GLN B 40 2.22 15.27 -1.07
C GLN B 40 3.02 15.27 -2.36
N ALA B 41 3.85 14.23 -2.54
CA ALA B 41 4.61 14.02 -3.75
C ALA B 41 3.69 13.51 -4.85
N PRO B 42 4.09 13.59 -6.15
CA PRO B 42 3.16 13.51 -7.27
C PRO B 42 2.10 12.40 -7.26
N GLY B 43 2.53 11.16 -7.02
CA GLY B 43 1.63 10.01 -6.95
C GLY B 43 1.74 9.25 -5.63
N LYS B 44 1.69 9.99 -4.52
CA LYS B 44 1.83 9.39 -3.20
C LYS B 44 0.80 9.99 -2.25
N GLU B 45 0.60 9.32 -1.11
CA GLU B 45 -0.28 9.82 -0.07
C GLU B 45 0.36 11.02 0.60
N ARG B 46 -0.47 11.90 1.14
CA ARG B 46 -0.03 13.00 1.96
C ARG B 46 0.67 12.47 3.21
N GLU B 47 1.83 13.06 3.55
CA GLU B 47 2.59 12.59 4.70
C GLU B 47 2.96 13.77 5.62
N GLY B 48 2.86 13.51 6.93
CA GLY B 48 3.27 14.48 7.94
C GLY B 48 4.79 14.63 7.95
N VAL B 49 5.25 15.88 7.93
CA VAL B 49 6.66 16.22 7.90
C VAL B 49 7.16 16.68 9.27
N ALA B 50 6.44 17.62 9.87
CA ALA B 50 6.85 18.20 11.14
C ALA B 50 5.63 18.83 11.81
N VAL B 51 5.56 18.71 13.14
CA VAL B 51 4.45 19.24 13.91
C VAL B 51 4.96 19.87 15.20
N ILE B 52 4.21 20.87 15.68
CA ILE B 52 4.51 21.52 16.95
C ILE B 52 3.21 21.64 17.73
N ASN B 53 3.26 21.29 19.01
CA ASN B 53 2.08 21.39 19.87
C ASN B 53 2.08 22.77 20.57
N SER B 54 1.07 23.00 21.41
CA SER B 54 0.85 24.34 21.95
C SER B 54 1.90 24.85 22.94
N HIS B 55 2.67 23.92 23.52
CA HIS B 55 3.74 24.31 24.42
C HIS B 55 5.12 24.13 23.78
N GLY B 56 5.14 23.94 22.46
CA GLY B 56 6.37 24.10 21.69
C GLY B 56 7.15 22.80 21.45
N ASP B 57 6.61 21.66 21.89
CA ASP B 57 7.25 20.39 21.61
C ASP B 57 6.93 20.00 20.16
N THR B 58 7.89 19.30 19.54
CA THR B 58 7.89 18.99 18.12
C THR B 58 8.05 17.51 17.85
N ALA B 59 7.63 17.10 16.65
CA ALA B 59 7.91 15.77 16.14
C ALA B 59 8.12 15.90 14.64
N TYR B 60 8.93 14.98 14.09
CA TYR B 60 9.30 14.99 12.70
C TYR B 60 9.22 13.59 12.09
N ALA B 61 8.89 13.52 10.80
CA ALA B 61 9.10 12.31 10.02
C ALA B 61 10.59 12.01 9.98
N ASP B 62 10.95 10.72 10.05
CA ASP B 62 12.34 10.29 10.05
C ASP B 62 13.13 10.86 8.86
N SER B 63 12.49 10.92 7.69
CA SER B 63 13.19 11.33 6.48
C SER B 63 13.66 12.79 6.46
N VAL B 64 13.18 13.63 7.38
CA VAL B 64 13.57 15.03 7.41
C VAL B 64 14.33 15.42 8.68
N LYS B 65 14.42 14.51 9.67
CA LYS B 65 15.08 14.83 10.91
C LYS B 65 16.49 15.37 10.66
N GLY B 66 16.85 16.42 11.41
CA GLY B 66 18.17 17.01 11.31
C GLY B 66 18.33 17.95 10.11
N ARG B 67 17.34 17.99 9.21
CA ARG B 67 17.41 18.84 8.03
C ARG B 67 16.36 19.95 8.06
N PHE B 68 15.16 19.62 8.55
CA PHE B 68 14.04 20.56 8.63
C PHE B 68 13.77 20.93 10.08
N THR B 69 13.37 22.18 10.32
CA THR B 69 13.07 22.66 11.66
C THR B 69 11.73 23.42 11.61
N ILE B 70 10.79 22.98 12.43
CA ILE B 70 9.53 23.68 12.59
C ILE B 70 9.61 24.53 13.85
N SER B 71 9.05 25.74 13.77
CA SER B 71 8.99 26.66 14.90
C SER B 71 7.81 27.60 14.69
N LYS B 72 7.40 28.24 15.80
CA LYS B 72 6.28 29.16 15.79
C LYS B 72 6.75 30.48 16.36
N ASP B 73 6.66 31.55 15.57
CA ASP B 73 6.99 32.89 16.03
C ASP B 73 5.72 33.48 16.64
N ASN B 74 5.68 33.61 17.97
CA ASN B 74 4.51 34.12 18.66
C ASN B 74 4.20 35.57 18.29
N GLY B 75 5.25 36.38 18.23
CA GLY B 75 5.10 37.81 18.00
C GLY B 75 4.67 38.14 16.57
N ARG B 76 5.05 37.28 15.63
CA ARG B 76 4.69 37.46 14.24
C ARG B 76 3.50 36.59 13.84
N ASN B 77 3.07 35.70 14.73
CA ASN B 77 1.97 34.79 14.47
C ASN B 77 2.23 34.02 13.16
N THR B 78 3.41 33.38 13.11
CA THR B 78 3.79 32.59 11.96
C THR B 78 4.34 31.23 12.37
N LEU B 79 3.95 30.21 11.59
CA LEU B 79 4.56 28.90 11.65
C LEU B 79 5.59 28.86 10.52
N ILE B 80 6.79 28.38 10.87
CA ILE B 80 7.94 28.36 9.99
C ILE B 80 8.38 26.92 9.78
N LEU B 81 8.70 26.56 8.54
CA LEU B 81 9.44 25.34 8.27
C LEU B 81 10.73 25.77 7.57
N GLN B 82 11.84 25.64 8.29
CA GLN B 82 13.15 25.92 7.74
C GLN B 82 13.67 24.61 7.17
N MET B 83 13.86 24.58 5.84
CA MET B 83 14.20 23.37 5.12
C MET B 83 15.63 23.46 4.59
N ASN B 84 16.56 22.73 5.22
CA ASN B 84 17.95 22.71 4.81
C ASN B 84 18.31 21.39 4.14
N SER B 85 19.42 21.39 3.40
CA SER B 85 19.98 20.19 2.80
C SER B 85 18.93 19.45 1.96
N LEU B 86 18.19 20.23 1.19
CA LEU B 86 17.07 19.70 0.41
C LEU B 86 17.58 18.67 -0.60
N LYS B 87 16.75 17.63 -0.81
CA LYS B 87 17.03 16.55 -1.72
C LYS B 87 15.93 16.50 -2.79
N PRO B 88 16.17 15.89 -3.98
CA PRO B 88 15.10 15.71 -4.97
C PRO B 88 13.84 15.03 -4.41
N GLU B 89 14.05 14.09 -3.49
CA GLU B 89 12.99 13.35 -2.82
C GLU B 89 12.06 14.26 -2.01
N ASP B 90 12.52 15.48 -1.71
CA ASP B 90 11.71 16.42 -0.94
C ASP B 90 10.72 17.19 -1.80
N THR B 91 10.82 17.02 -3.13
CA THR B 91 9.89 17.66 -4.05
C THR B 91 8.47 17.20 -3.75
N ALA B 92 7.57 18.17 -3.58
CA ALA B 92 6.18 17.90 -3.24
C ALA B 92 5.40 19.21 -3.14
N ILE B 93 4.07 19.08 -3.02
CA ILE B 93 3.23 20.17 -2.57
C ILE B 93 3.21 20.13 -1.04
N TYR B 94 3.69 21.20 -0.39
CA TYR B 94 3.69 21.31 1.06
C TYR B 94 2.46 22.08 1.51
N VAL B 95 1.82 21.60 2.58
CA VAL B 95 0.59 22.19 3.06
C VAL B 95 0.64 22.31 4.59
N CYS B 96 0.18 23.47 5.07
CA CYS B 96 0.04 23.71 6.50
C CYS B 96 -1.29 23.15 7.00
N ALA B 97 -1.30 22.66 8.24
CA ALA B 97 -2.50 22.14 8.88
C ALA B 97 -2.51 22.53 10.35
N SER B 98 -3.70 22.72 10.90
CA SER B 98 -3.84 23.07 12.31
C SER B 98 -5.08 22.42 12.90
N THR B 99 -5.17 22.43 14.23
CA THR B 99 -6.26 21.82 14.97
C THR B 99 -7.21 22.87 15.54
N ARG B 100 -8.30 22.34 16.08
CA ARG B 100 -9.18 23.18 16.87
C ARG B 100 -8.39 23.62 18.12
N ALA B 101 -8.91 24.59 18.83
CA ALA B 101 -8.25 25.13 20.01
C ALA B 101 -8.80 24.48 21.28
N TYR B 102 -7.95 24.38 22.30
CA TYR B 102 -8.30 23.78 23.58
C TYR B 102 -8.08 24.74 24.74
N GLN B 103 -8.82 24.57 25.84
CA GLN B 103 -8.69 25.45 26.99
C GLN B 103 -7.33 25.30 27.66
N LEU B 104 -6.92 24.05 27.89
CA LEU B 104 -5.78 23.76 28.76
C LEU B 104 -4.49 23.65 27.95
N TYR B 105 -4.47 22.70 27.00
CA TYR B 105 -3.35 22.57 26.07
C TYR B 105 -3.71 21.64 24.93
N SER B 106 -3.03 21.84 23.79
CA SER B 106 -3.05 20.92 22.67
C SER B 106 -1.72 20.19 22.69
N GLY B 107 -1.69 19.03 23.38
CA GLY B 107 -0.45 18.28 23.55
C GLY B 107 -0.08 17.42 22.34
N SER B 108 -1.04 17.12 21.47
CA SER B 108 -0.82 16.17 20.39
C SER B 108 0.24 16.65 19.38
N ARG B 109 1.11 15.71 19.00
CA ARG B 109 2.09 15.89 17.95
C ARG B 109 1.89 14.84 16.89
N SER B 110 0.64 14.68 16.44
CA SER B 110 0.32 13.68 15.44
C SER B 110 0.88 14.06 14.08
N LEU B 111 1.36 13.05 13.36
CA LEU B 111 1.79 13.20 11.97
C LEU B 111 0.77 12.57 11.01
N ARG B 112 -0.39 12.17 11.53
CA ARG B 112 -1.45 11.61 10.68
C ARG B 112 -2.35 12.71 10.16
N PRO B 113 -2.60 12.82 8.84
CA PRO B 113 -3.53 13.82 8.29
C PRO B 113 -4.90 13.91 8.95
N VAL B 114 -5.49 12.76 9.28
CA VAL B 114 -6.83 12.71 9.85
C VAL B 114 -6.97 13.51 11.15
N ASP B 115 -5.85 13.71 11.86
CA ASP B 115 -5.86 14.38 13.14
C ASP B 115 -5.89 15.91 13.08
N TYR B 116 -5.92 16.49 11.88
CA TYR B 116 -5.96 17.94 11.72
C TYR B 116 -7.32 18.38 11.22
N ASP B 117 -7.70 19.63 11.55
CA ASP B 117 -9.03 20.12 11.32
C ASP B 117 -9.07 21.21 10.25
N TYR B 118 -7.93 21.87 10.04
CA TYR B 118 -7.83 22.97 9.08
C TYR B 118 -6.62 22.78 8.17
N TRP B 119 -6.78 23.14 6.90
CA TRP B 119 -5.74 22.92 5.90
C TRP B 119 -5.56 24.18 5.06
N GLY B 120 -4.29 24.44 4.72
CA GLY B 120 -3.96 25.51 3.80
C GLY B 120 -4.15 25.10 2.33
N GLN B 121 -3.66 25.92 1.42
CA GLN B 121 -3.87 25.70 0.00
C GLN B 121 -2.74 24.92 -0.65
N GLY B 122 -1.58 24.88 0.01
CA GLY B 122 -0.43 24.13 -0.49
C GLY B 122 0.48 25.03 -1.32
N THR B 123 1.78 24.76 -1.27
CA THR B 123 2.78 25.55 -1.98
C THR B 123 3.80 24.57 -2.54
N GLN B 124 4.18 24.77 -3.81
CA GLN B 124 5.09 23.88 -4.49
C GLN B 124 6.53 24.06 -4.02
N VAL B 125 7.17 22.92 -3.70
CA VAL B 125 8.61 22.87 -3.50
C VAL B 125 9.21 21.91 -4.53
N THR B 126 10.20 22.39 -5.27
CA THR B 126 10.88 21.58 -6.27
C THR B 126 12.38 21.61 -6.03
N VAL B 127 12.98 20.42 -5.91
CA VAL B 127 14.42 20.30 -5.76
C VAL B 127 14.97 19.49 -6.93
N SER B 128 15.80 20.12 -7.76
CA SER B 128 16.31 19.50 -8.98
C SER B 128 17.47 20.30 -9.58
N GLU C 2 4.03 14.28 -13.47
CA GLU C 2 2.66 14.12 -13.96
C GLU C 2 2.66 13.23 -15.21
N SER C 3 1.47 13.03 -15.78
CA SER C 3 1.24 12.11 -16.88
C SER C 3 1.47 12.73 -18.26
N GLN C 4 2.19 12.02 -19.13
CA GLN C 4 2.42 12.47 -20.49
C GLN C 4 1.13 12.44 -21.31
N PRO C 5 0.74 13.54 -22.00
CA PRO C 5 -0.43 13.50 -22.88
C PRO C 5 -0.27 12.45 -23.99
N ASP C 6 -1.35 11.73 -24.28
CA ASP C 6 -1.34 10.75 -25.35
C ASP C 6 -1.08 11.41 -26.72
N PRO C 7 -0.43 10.69 -27.65
CA PRO C 7 -0.08 11.25 -28.95
C PRO C 7 -1.31 11.44 -29.83
N LYS C 8 -1.45 12.64 -30.39
CA LYS C 8 -2.32 12.87 -31.54
C LYS C 8 -1.65 12.26 -32.78
N PRO C 9 -2.41 11.95 -33.86
CA PRO C 9 -1.82 11.34 -35.05
C PRO C 9 -0.66 12.12 -35.65
N ASP C 10 -0.74 13.46 -35.68
CA ASP C 10 0.32 14.29 -36.21
C ASP C 10 1.63 14.25 -35.40
N GLU C 11 1.56 13.76 -34.15
CA GLU C 11 2.73 13.61 -33.31
C GLU C 11 3.49 12.31 -33.52
N LEU C 12 2.97 11.44 -34.37
CA LEU C 12 3.53 10.11 -34.55
C LEU C 12 4.24 10.02 -35.90
N HIS C 13 5.39 9.33 -35.89
CA HIS C 13 6.10 9.08 -37.13
C HIS C 13 5.31 8.13 -38.01
N LYS C 14 5.35 8.39 -39.32
CA LYS C 14 4.70 7.57 -40.30
C LYS C 14 5.73 6.71 -41.04
N SER C 15 5.55 5.38 -40.98
CA SER C 15 6.51 4.48 -41.60
C SER C 15 6.64 4.71 -43.10
N SER C 16 5.57 5.16 -43.75
CA SER C 16 5.62 5.41 -45.18
C SER C 16 6.48 6.61 -45.57
N LYS C 17 6.83 7.47 -44.59
CA LYS C 17 7.75 8.56 -44.86
C LYS C 17 9.20 8.16 -44.58
N PHE C 18 9.38 6.99 -43.97
CA PHE C 18 10.69 6.39 -43.82
C PHE C 18 11.08 5.65 -45.09
N THR C 19 12.18 6.09 -45.72
CA THR C 19 12.63 5.52 -46.99
C THR C 19 13.93 4.73 -46.85
N GLY C 20 14.37 4.51 -45.61
CA GLY C 20 15.52 3.68 -45.35
C GLY C 20 15.13 2.21 -45.28
N LEU C 21 16.06 1.41 -44.75
CA LEU C 21 15.88 -0.03 -44.62
C LEU C 21 15.41 -0.32 -43.20
N MET C 22 14.17 -0.80 -43.07
CA MET C 22 13.54 -1.00 -41.78
C MET C 22 14.23 -2.10 -41.00
N GLU C 23 14.96 -2.99 -41.69
CA GLU C 23 15.79 -3.98 -41.01
C GLU C 23 16.70 -3.36 -39.94
N ASN C 24 17.15 -2.13 -40.17
CA ASN C 24 18.01 -1.45 -39.20
C ASN C 24 17.30 -1.12 -37.90
N MET C 25 15.96 -1.08 -37.93
CA MET C 25 15.14 -0.98 -36.73
C MET C 25 14.86 -2.37 -36.18
N LYS C 26 14.43 -3.27 -37.08
CA LYS C 26 14.09 -4.65 -36.74
C LYS C 26 15.14 -5.36 -35.90
N VAL C 27 16.42 -5.25 -36.26
CA VAL C 27 17.49 -5.94 -35.55
C VAL C 27 17.63 -5.52 -34.09
N LEU C 28 17.19 -4.31 -33.75
CA LEU C 28 17.20 -3.87 -32.36
C LEU C 28 16.22 -4.68 -31.51
N TYR C 29 15.16 -5.21 -32.14
CA TYR C 29 14.10 -5.91 -31.45
C TYR C 29 13.99 -7.38 -31.88
N ASP C 30 15.05 -7.89 -32.52
CA ASP C 30 15.16 -9.28 -32.90
C ASP C 30 15.67 -10.07 -31.71
N ASP C 31 16.01 -11.34 -31.92
CA ASP C 31 16.46 -12.21 -30.84
C ASP C 31 17.62 -11.62 -30.03
N ASN C 32 18.63 -11.06 -30.71
CA ASN C 32 19.84 -10.66 -30.03
C ASN C 32 19.63 -9.36 -29.25
N HIS C 33 20.02 -9.41 -27.97
CA HIS C 33 19.88 -8.30 -27.05
C HIS C 33 20.84 -8.57 -25.90
N VAL C 34 21.03 -7.55 -25.05
CA VAL C 34 21.88 -7.71 -23.88
C VAL C 34 21.00 -8.15 -22.71
N SER C 35 21.50 -9.15 -21.99
CA SER C 35 20.83 -9.72 -20.84
C SER C 35 21.90 -10.31 -19.91
N ALA C 36 22.06 -9.69 -18.75
CA ALA C 36 23.05 -10.15 -17.79
C ALA C 36 22.43 -10.11 -16.40
N ILE C 37 22.77 -11.11 -15.59
CA ILE C 37 22.25 -11.25 -14.24
C ILE C 37 23.39 -11.10 -13.24
N ASN C 38 23.23 -10.15 -12.31
CA ASN C 38 24.13 -10.03 -11.18
C ASN C 38 25.57 -9.81 -11.62
N VAL C 39 25.80 -8.73 -12.37
CA VAL C 39 27.12 -8.36 -12.84
C VAL C 39 27.49 -7.00 -12.25
N LYS C 40 28.80 -6.73 -12.19
CA LYS C 40 29.31 -5.45 -11.74
C LYS C 40 30.20 -4.85 -12.83
N SER C 41 30.08 -3.53 -13.04
CA SER C 41 30.87 -2.85 -14.07
C SER C 41 32.37 -3.10 -13.86
N ILE C 42 33.08 -3.34 -14.97
CA ILE C 42 34.51 -3.62 -14.94
C ILE C 42 35.34 -2.43 -15.39
N ASP C 43 34.69 -1.43 -16.01
CA ASP C 43 35.39 -0.28 -16.53
C ASP C 43 34.42 0.86 -16.79
N GLN C 44 34.94 1.99 -17.28
CA GLN C 44 34.17 3.17 -17.63
C GLN C 44 34.97 3.94 -18.66
N PHE C 45 34.31 4.43 -19.70
CA PHE C 45 34.98 5.27 -20.69
C PHE C 45 34.76 6.73 -20.33
N LEU C 46 33.49 7.17 -20.37
CA LEU C 46 33.11 8.52 -19.99
C LEU C 46 32.34 8.50 -18.69
N TYR C 47 32.26 9.66 -18.01
CA TYR C 47 31.67 9.74 -16.68
C TYR C 47 30.18 9.37 -16.64
N PHE C 48 29.53 9.36 -17.80
CA PHE C 48 28.11 9.03 -17.87
C PHE C 48 27.86 7.64 -18.47
N ASP C 49 28.90 6.80 -18.55
CA ASP C 49 28.73 5.41 -18.92
C ASP C 49 29.33 4.45 -17.88
N LEU C 50 29.00 3.16 -18.04
CA LEU C 50 29.65 2.05 -17.36
C LEU C 50 29.86 0.93 -18.38
N ILE C 51 30.94 0.14 -18.21
CA ILE C 51 31.26 -0.96 -19.12
C ILE C 51 31.18 -2.28 -18.36
N TYR C 52 30.45 -3.24 -18.95
CA TYR C 52 30.22 -4.56 -18.39
C TYR C 52 30.80 -5.63 -19.29
N SER C 53 31.19 -6.76 -18.69
CA SER C 53 31.61 -7.92 -19.45
C SER C 53 30.46 -8.93 -19.44
N ILE C 54 29.81 -9.10 -20.60
CA ILE C 54 28.58 -9.86 -20.69
C ILE C 54 28.69 -11.08 -21.62
N LYS C 55 28.15 -12.20 -21.15
CA LYS C 55 28.22 -13.44 -21.89
C LYS C 55 27.16 -13.50 -22.98
N ASP C 56 27.56 -13.99 -24.15
CA ASP C 56 26.65 -14.54 -25.15
C ASP C 56 26.26 -15.97 -24.71
N GLY C 60 29.55 -18.94 -26.62
CA GLY C 60 29.51 -18.21 -25.36
C GLY C 60 30.72 -17.32 -25.06
N ASN C 61 30.97 -16.35 -25.94
CA ASN C 61 32.00 -15.33 -25.72
C ASN C 61 31.56 -14.37 -24.64
N TYR C 62 32.50 -13.61 -24.08
CA TYR C 62 32.18 -12.47 -23.24
C TYR C 62 32.53 -11.17 -23.97
N ASP C 63 31.52 -10.35 -24.24
CA ASP C 63 31.73 -9.06 -24.88
C ASP C 63 31.65 -7.92 -23.88
N ASN C 64 32.41 -6.88 -24.19
CA ASN C 64 32.30 -5.62 -23.48
C ASN C 64 31.09 -4.84 -23.99
N VAL C 65 30.24 -4.45 -23.05
CA VAL C 65 29.05 -3.68 -23.35
C VAL C 65 29.17 -2.36 -22.61
N ARG C 66 29.18 -1.26 -23.38
CA ARG C 66 29.13 0.09 -22.85
C ARG C 66 27.68 0.51 -22.68
N VAL C 67 27.27 0.70 -21.42
CA VAL C 67 25.98 1.25 -21.09
C VAL C 67 26.12 2.74 -20.85
N GLU C 68 25.41 3.55 -21.64
CA GLU C 68 25.40 5.00 -21.51
C GLU C 68 24.14 5.48 -20.79
N PHE C 69 24.32 6.42 -19.85
CA PHE C 69 23.23 7.06 -19.15
C PHE C 69 23.11 8.55 -19.47
N LYS C 70 21.94 9.11 -19.13
CA LYS C 70 21.63 10.52 -19.33
C LYS C 70 22.50 11.46 -18.48
N ASN C 71 22.94 11.00 -17.29
CA ASN C 71 23.74 11.84 -16.42
C ASN C 71 24.74 11.05 -15.59
N LYS C 72 25.63 11.78 -14.91
CA LYS C 72 26.67 11.22 -14.07
C LYS C 72 26.13 10.50 -12.84
N ASP C 73 25.01 11.00 -12.31
CA ASP C 73 24.40 10.41 -11.11
C ASP C 73 23.96 8.97 -11.33
N LEU C 74 23.45 8.64 -12.51
CA LEU C 74 23.07 7.28 -12.84
C LEU C 74 24.30 6.37 -12.89
N ALA C 75 25.36 6.83 -13.58
CA ALA C 75 26.60 6.09 -13.65
C ALA C 75 27.19 5.85 -12.26
N ASP C 76 27.24 6.90 -11.44
CA ASP C 76 27.78 6.80 -10.09
C ASP C 76 26.99 5.86 -9.21
N LYS C 77 25.67 5.87 -9.35
CA LYS C 77 24.80 5.02 -8.55
C LYS C 77 25.08 3.53 -8.78
N TYR C 78 25.32 3.15 -10.03
CA TYR C 78 25.48 1.73 -10.36
C TYR C 78 26.92 1.25 -10.49
N LYS C 79 27.89 2.17 -10.47
CA LYS C 79 29.28 1.85 -10.76
C LYS C 79 29.78 0.63 -9.98
N ASP C 80 29.56 0.63 -8.66
CA ASP C 80 30.09 -0.45 -7.83
C ASP C 80 29.03 -1.41 -7.33
N LYS C 81 27.87 -1.47 -8.00
CA LYS C 81 26.78 -2.31 -7.54
C LYS C 81 26.67 -3.55 -8.43
N TYR C 82 26.24 -4.66 -7.82
CA TYR C 82 25.83 -5.83 -8.59
C TYR C 82 24.44 -5.52 -9.14
N VAL C 83 24.31 -5.66 -10.46
CA VAL C 83 23.13 -5.21 -11.19
C VAL C 83 22.69 -6.29 -12.16
N ASP C 84 21.50 -6.09 -12.70
CA ASP C 84 21.02 -6.81 -13.87
C ASP C 84 21.03 -5.80 -15.01
N VAL C 85 21.37 -6.27 -16.21
CA VAL C 85 21.45 -5.41 -17.38
C VAL C 85 20.54 -6.02 -18.42
N PHE C 86 19.65 -5.22 -18.99
CA PHE C 86 18.76 -5.69 -20.02
C PHE C 86 18.52 -4.55 -21.01
N GLY C 87 18.79 -4.80 -22.29
CA GLY C 87 18.45 -3.81 -23.29
C GLY C 87 18.76 -4.19 -24.73
N ALA C 88 18.26 -3.34 -25.63
CA ALA C 88 18.58 -3.37 -27.04
C ALA C 88 19.92 -2.66 -27.28
N ASN C 89 20.80 -3.32 -28.03
CA ASN C 89 22.16 -2.83 -28.20
C ASN C 89 22.40 -2.51 -29.68
N TYR C 90 23.47 -1.75 -29.96
CA TYR C 90 23.85 -1.46 -31.33
C TYR C 90 25.37 -1.49 -31.49
N TYR C 91 25.82 -1.51 -32.75
CA TYR C 91 27.22 -1.63 -33.10
C TYR C 91 27.70 -0.43 -33.91
N TYR C 92 26.90 -0.01 -34.90
CA TYR C 92 27.28 1.07 -35.79
C TYR C 92 27.53 2.35 -35.00
N GLN C 93 28.73 2.92 -35.16
CA GLN C 93 29.16 4.12 -34.45
C GLN C 93 29.23 3.87 -32.94
N CYS C 94 29.53 2.62 -32.58
CA CYS C 94 29.80 2.28 -31.20
C CYS C 94 31.30 2.42 -30.94
N TYR C 95 31.68 3.42 -30.16
CA TYR C 95 33.08 3.66 -29.81
C TYR C 95 33.26 3.66 -28.30
N PHE C 96 34.40 3.12 -27.88
CA PHE C 96 34.91 3.28 -26.53
C PHE C 96 36.28 2.62 -26.41
N SER C 97 37.13 3.17 -25.55
CA SER C 97 38.33 2.49 -25.07
C SER C 97 38.47 2.61 -23.55
N LYS C 112 32.51 -5.45 -28.78
CA LYS C 112 32.27 -4.01 -28.78
C LYS C 112 30.82 -3.68 -29.12
N THR C 113 29.99 -3.48 -28.10
CA THR C 113 28.62 -3.09 -28.33
C THR C 113 28.18 -2.03 -27.33
N CYS C 114 27.14 -1.27 -27.70
CA CYS C 114 26.66 -0.15 -26.93
C CYS C 114 25.16 -0.27 -26.69
N MET C 115 24.71 0.31 -25.58
CA MET C 115 23.30 0.44 -25.26
C MET C 115 23.11 1.64 -24.35
N TYR C 116 21.85 1.95 -24.03
CA TYR C 116 21.52 2.98 -23.08
C TYR C 116 20.70 2.38 -21.94
N GLY C 117 20.96 2.82 -20.71
CA GLY C 117 20.14 2.45 -19.58
C GLY C 117 20.08 0.94 -19.36
N GLY C 118 18.88 0.46 -19.01
CA GLY C 118 18.61 -0.97 -18.85
C GLY C 118 19.21 -1.63 -17.61
N VAL C 119 19.53 -0.85 -16.58
CA VAL C 119 20.26 -1.34 -15.42
C VAL C 119 19.42 -1.23 -14.15
N THR C 120 19.41 -2.31 -13.35
CA THR C 120 18.70 -2.35 -12.09
C THR C 120 19.56 -3.07 -11.06
N GLU C 121 19.49 -2.61 -9.80
CA GLU C 121 20.11 -3.35 -8.70
C GLU C 121 19.61 -4.80 -8.69
N HIS C 122 20.55 -5.73 -8.49
CA HIS C 122 20.18 -7.15 -8.42
C HIS C 122 19.49 -7.44 -7.10
N ASN C 123 20.19 -7.17 -6.00
CA ASN C 123 19.72 -7.52 -4.67
C ASN C 123 18.48 -6.73 -4.28
N GLY C 124 17.52 -7.46 -3.72
CA GLY C 124 16.27 -6.88 -3.27
C GLY C 124 15.25 -6.68 -4.38
N ASN C 125 15.63 -6.96 -5.64
CA ASN C 125 14.76 -6.69 -6.77
C ASN C 125 14.21 -7.96 -7.44
N GLN C 126 14.55 -9.14 -6.89
CA GLN C 126 14.22 -10.41 -7.51
C GLN C 126 12.88 -10.96 -7.04
N LEU C 127 12.04 -11.39 -8.00
CA LEU C 127 10.82 -12.13 -7.70
C LEU C 127 11.12 -13.62 -7.52
N ASP C 128 10.22 -14.32 -6.84
CA ASP C 128 10.31 -15.77 -6.69
C ASP C 128 10.17 -16.45 -8.05
N LYS C 129 9.12 -16.07 -8.78
CA LYS C 129 8.83 -16.61 -10.10
C LYS C 129 8.92 -15.51 -11.16
N TYR C 130 9.00 -15.93 -12.44
CA TYR C 130 8.70 -15.03 -13.54
C TYR C 130 7.23 -14.60 -13.43
N ARG C 131 6.97 -13.32 -13.75
CA ARG C 131 5.67 -12.72 -13.62
C ARG C 131 5.19 -12.24 -14.99
N SER C 132 3.99 -12.65 -15.38
CA SER C 132 3.41 -12.28 -16.66
C SER C 132 2.68 -10.92 -16.58
N ILE C 133 2.94 -10.08 -17.58
CA ILE C 133 2.30 -8.78 -17.72
C ILE C 133 1.57 -8.75 -19.06
N THR C 134 0.26 -8.49 -19.03
CA THR C 134 -0.53 -8.39 -20.24
C THR C 134 -0.05 -7.24 -21.13
N VAL C 135 0.02 -7.53 -22.43
CA VAL C 135 0.12 -6.51 -23.46
C VAL C 135 -1.19 -6.55 -24.24
N ARG C 136 -1.89 -5.40 -24.26
CA ARG C 136 -3.05 -5.21 -25.11
C ARG C 136 -2.64 -4.52 -26.41
N VAL C 137 -2.99 -5.12 -27.54
CA VAL C 137 -2.68 -4.57 -28.84
C VAL C 137 -3.95 -4.05 -29.49
N PHE C 138 -3.92 -2.78 -29.90
CA PHE C 138 -4.99 -2.15 -30.62
C PHE C 138 -4.54 -1.84 -32.06
N GLU C 139 -5.44 -2.07 -32.99
CA GLU C 139 -5.19 -1.86 -34.41
C GLU C 139 -6.37 -1.05 -34.93
N ASP C 140 -6.08 0.19 -35.34
CA ASP C 140 -7.08 1.12 -35.84
C ASP C 140 -8.17 1.31 -34.79
N GLY C 141 -7.76 1.41 -33.52
CA GLY C 141 -8.67 1.60 -32.41
C GLY C 141 -9.49 0.37 -32.00
N LYS C 142 -9.27 -0.78 -32.66
CA LYS C 142 -9.97 -2.01 -32.32
C LYS C 142 -9.07 -2.93 -31.50
N ASN C 143 -9.68 -3.65 -30.56
CA ASN C 143 -8.99 -4.66 -29.77
C ASN C 143 -8.57 -5.82 -30.67
N LEU C 144 -7.26 -5.91 -30.98
CA LEU C 144 -6.77 -6.90 -31.91
C LEU C 144 -6.41 -8.20 -31.18
N LEU C 145 -5.49 -8.09 -30.23
CA LEU C 145 -5.07 -9.26 -29.46
C LEU C 145 -4.40 -8.84 -28.15
N SER C 146 -4.26 -9.83 -27.27
CA SER C 146 -3.44 -9.71 -26.08
C SER C 146 -2.41 -10.82 -26.04
N PHE C 147 -1.29 -10.55 -25.36
CA PHE C 147 -0.29 -11.55 -25.08
C PHE C 147 0.39 -11.14 -23.77
N ASP C 148 1.36 -11.94 -23.33
CA ASP C 148 2.13 -11.69 -22.13
C ASP C 148 3.60 -11.43 -22.43
N VAL C 149 4.19 -10.53 -21.64
CA VAL C 149 5.62 -10.47 -21.47
C VAL C 149 5.88 -10.84 -20.01
N GLN C 150 7.11 -11.29 -19.74
CA GLN C 150 7.47 -11.80 -18.42
C GLN C 150 8.74 -11.12 -17.90
N THR C 151 8.81 -10.93 -16.58
CA THR C 151 10.01 -10.47 -15.91
C THR C 151 10.07 -11.09 -14.52
N ASN C 152 11.29 -11.20 -13.98
CA ASN C 152 11.46 -11.64 -12.60
C ASN C 152 11.88 -10.49 -11.69
N LYS C 153 11.73 -9.25 -12.18
CA LYS C 153 12.09 -8.06 -11.42
C LYS C 153 10.88 -7.37 -10.80
N LYS C 154 11.06 -6.88 -9.57
CA LYS C 154 10.07 -6.04 -8.91
C LYS C 154 9.99 -4.72 -9.66
N LYS C 155 11.15 -4.05 -9.77
CA LYS C 155 11.28 -2.84 -10.55
C LYS C 155 11.99 -3.22 -11.85
N VAL C 156 11.34 -2.95 -12.98
CA VAL C 156 11.89 -3.29 -14.27
C VAL C 156 11.97 -2.04 -15.14
N THR C 157 13.00 -1.95 -15.98
CA THR C 157 13.11 -0.84 -16.90
C THR C 157 11.98 -0.94 -17.94
N ALA C 158 11.44 0.22 -18.30
CA ALA C 158 10.55 0.34 -19.42
C ALA C 158 11.19 -0.25 -20.68
N GLN C 159 12.51 -0.06 -20.81
CA GLN C 159 13.26 -0.63 -21.92
C GLN C 159 13.07 -2.14 -22.03
N GLU C 160 13.19 -2.86 -20.91
CA GLU C 160 13.05 -4.30 -20.91
C GLU C 160 11.67 -4.71 -21.42
N LEU C 161 10.63 -4.08 -20.85
CA LEU C 161 9.26 -4.42 -21.23
C LEU C 161 8.95 -4.03 -22.68
N ASP C 162 9.51 -2.90 -23.11
CA ASP C 162 9.39 -2.44 -24.48
C ASP C 162 10.01 -3.44 -25.46
N TYR C 163 11.26 -3.85 -25.19
CA TYR C 163 11.93 -4.83 -26.02
C TYR C 163 11.13 -6.12 -26.16
N LEU C 164 10.70 -6.68 -25.01
CA LEU C 164 9.91 -7.91 -25.01
C LEU C 164 8.61 -7.78 -25.79
N THR C 165 7.94 -6.63 -25.64
CA THR C 165 6.71 -6.34 -26.35
C THR C 165 6.94 -6.34 -27.85
N ARG C 166 7.97 -5.59 -28.30
CA ARG C 166 8.24 -5.45 -29.72
C ARG C 166 8.75 -6.75 -30.33
N HIS C 167 9.57 -7.48 -29.57
CA HIS C 167 10.05 -8.78 -30.00
C HIS C 167 8.91 -9.73 -30.36
N TYR C 168 7.92 -9.82 -29.48
CA TYR C 168 6.71 -10.61 -29.76
C TYR C 168 6.03 -10.11 -31.04
N LEU C 169 5.88 -8.78 -31.17
CA LEU C 169 5.16 -8.22 -32.31
C LEU C 169 5.93 -8.33 -33.62
N VAL C 170 7.27 -8.31 -33.55
CA VAL C 170 8.09 -8.58 -34.72
C VAL C 170 7.84 -10.02 -35.18
N LYS C 171 7.95 -10.98 -34.27
CA LYS C 171 7.74 -12.38 -34.60
C LYS C 171 6.34 -12.67 -35.13
N ASN C 172 5.30 -12.09 -34.50
CA ASN C 172 3.93 -12.54 -34.73
C ASN C 172 3.08 -11.61 -35.59
N LYS C 173 3.46 -10.34 -35.68
CA LYS C 173 2.72 -9.36 -36.48
C LYS C 173 3.57 -8.61 -37.50
N LYS C 174 4.85 -8.99 -37.62
CA LYS C 174 5.76 -8.37 -38.57
C LYS C 174 5.76 -6.86 -38.37
N LEU C 175 5.79 -6.43 -37.11
CA LEU C 175 5.85 -5.03 -36.78
C LEU C 175 6.91 -4.32 -37.60
N TYR C 176 8.12 -4.90 -37.62
CA TYR C 176 9.18 -4.44 -38.49
C TYR C 176 9.53 -5.58 -39.45
N GLU C 177 9.75 -5.22 -40.71
CA GLU C 177 10.15 -6.18 -41.75
C GLU C 177 11.48 -5.67 -42.34
N PHE C 178 12.04 -6.35 -43.35
CA PHE C 178 13.34 -5.96 -43.96
C PHE C 178 13.26 -4.53 -44.53
N ASN C 179 12.20 -4.28 -45.30
CA ASN C 179 12.09 -2.98 -46.00
C ASN C 179 11.25 -1.95 -45.23
N ASN C 180 10.01 -2.27 -44.86
CA ASN C 180 9.07 -1.31 -44.22
C ASN C 180 8.03 -2.10 -43.40
N SER C 181 7.26 -1.45 -42.57
CA SER C 181 6.23 -2.12 -41.74
C SER C 181 4.83 -2.18 -42.40
N PRO C 182 4.00 -3.18 -42.05
CA PRO C 182 2.59 -3.18 -42.46
C PRO C 182 1.81 -2.06 -41.78
N TYR C 183 2.37 -1.52 -40.70
CA TYR C 183 1.72 -0.50 -39.90
C TYR C 183 2.27 0.90 -40.21
N GLU C 184 1.36 1.86 -40.33
CA GLU C 184 1.71 3.24 -40.63
C GLU C 184 2.27 3.92 -39.38
N THR C 185 1.55 3.79 -38.27
CA THR C 185 2.01 4.31 -36.99
C THR C 185 1.95 3.23 -35.91
N GLY C 186 2.72 3.48 -34.86
CA GLY C 186 2.81 2.56 -33.73
C GLY C 186 3.40 3.27 -32.52
N TYR C 187 2.69 3.18 -31.39
CA TYR C 187 3.29 3.59 -30.13
C TYR C 187 2.94 2.62 -29.02
N ILE C 188 3.87 2.53 -28.05
CA ILE C 188 3.71 1.70 -26.87
C ILE C 188 3.49 2.66 -25.70
N LYS C 189 2.46 2.35 -24.91
CA LYS C 189 2.07 3.17 -23.78
C LYS C 189 2.19 2.36 -22.50
N PHE C 190 2.87 2.94 -21.50
CA PHE C 190 2.99 2.35 -20.19
C PHE C 190 2.11 3.13 -19.22
N ILE C 191 1.31 2.39 -18.43
CA ILE C 191 0.36 2.99 -17.51
C ILE C 191 0.69 2.51 -16.11
N GLU C 192 0.95 3.46 -15.22
CA GLU C 192 1.33 3.15 -13.86
C GLU C 192 0.46 3.95 -12.90
N ASN C 193 -0.61 3.32 -12.39
CA ASN C 193 -1.56 4.00 -11.55
C ASN C 193 -2.06 5.26 -12.26
N GLU C 194 -1.78 6.44 -11.70
CA GLU C 194 -2.21 7.69 -12.29
C GLU C 194 -1.48 8.03 -13.59
N ASN C 195 -0.15 7.82 -13.59
CA ASN C 195 0.71 8.33 -14.66
C ASN C 195 0.85 7.37 -15.84
N SER C 196 0.98 7.95 -17.03
CA SER C 196 1.37 7.20 -18.22
C SER C 196 2.43 7.94 -19.02
N PHE C 197 3.16 7.18 -19.85
CA PHE C 197 4.11 7.73 -20.79
C PHE C 197 4.17 6.77 -21.99
N TRP C 198 4.67 7.27 -23.12
CA TRP C 198 4.68 6.49 -24.35
C TRP C 198 5.94 6.71 -25.18
N TYR C 199 6.25 5.73 -26.02
CA TYR C 199 7.36 5.82 -26.97
C TYR C 199 6.84 5.58 -28.39
N ASP C 200 7.32 6.40 -29.34
CA ASP C 200 7.03 6.22 -30.75
C ASP C 200 7.89 5.06 -31.27
N MET C 201 7.22 4.07 -31.89
CA MET C 201 7.87 2.83 -32.31
C MET C 201 8.44 2.91 -33.73
N MET C 202 8.10 3.99 -34.45
CA MET C 202 8.47 4.11 -35.85
C MET C 202 9.64 5.08 -36.04
N PRO C 203 10.49 4.85 -37.07
CA PRO C 203 11.61 5.72 -37.35
C PRO C 203 11.19 7.07 -37.92
N ALA C 204 12.04 8.07 -37.70
CA ALA C 204 11.91 9.38 -38.31
C ALA C 204 11.95 9.28 -39.84
N PRO C 205 11.39 10.26 -40.56
CA PRO C 205 11.33 10.20 -42.01
C PRO C 205 12.71 10.32 -42.65
N GLY C 206 12.81 9.84 -43.90
CA GLY C 206 14.04 9.92 -44.68
C GLY C 206 14.80 8.60 -44.79
N ASP C 207 16.03 8.66 -45.30
CA ASP C 207 16.80 7.46 -45.64
C ASP C 207 17.61 6.90 -44.47
N LYS C 208 17.95 7.75 -43.51
CA LYS C 208 18.86 7.34 -42.46
C LYS C 208 18.06 6.93 -41.23
N PHE C 209 18.51 5.83 -40.60
CA PHE C 209 18.00 5.46 -39.30
C PHE C 209 19.22 5.31 -38.40
N ASP C 210 19.37 6.28 -37.48
CA ASP C 210 20.45 6.28 -36.53
C ASP C 210 20.03 5.52 -35.28
N GLN C 211 20.55 4.30 -35.15
CA GLN C 211 20.17 3.39 -34.07
C GLN C 211 20.51 4.03 -32.73
N SER C 212 21.75 4.54 -32.63
CA SER C 212 22.23 5.19 -31.43
C SER C 212 21.29 6.32 -30.99
N LYS C 213 20.89 7.18 -31.93
CA LYS C 213 20.01 8.28 -31.60
C LYS C 213 18.62 7.78 -31.17
N TYR C 214 18.12 6.73 -31.83
CA TYR C 214 16.80 6.20 -31.48
C TYR C 214 16.81 5.64 -30.05
N LEU C 215 17.79 4.78 -29.77
CA LEU C 215 17.86 4.07 -28.50
C LEU C 215 18.15 4.96 -27.30
N MET C 216 18.66 6.17 -27.56
CA MET C 216 19.00 7.12 -26.52
C MET C 216 17.78 7.49 -25.66
N MET C 217 16.57 7.30 -26.20
CA MET C 217 15.36 7.47 -25.42
C MET C 217 15.36 6.65 -24.13
N TYR C 218 16.10 5.53 -24.10
CA TYR C 218 16.19 4.70 -22.91
C TYR C 218 17.24 5.17 -21.88
N ASN C 219 17.93 6.29 -22.13
CA ASN C 219 19.08 6.64 -21.31
C ASN C 219 18.72 7.21 -19.94
N ASP C 220 17.43 7.46 -19.71
CA ASP C 220 16.94 7.87 -18.39
C ASP C 220 16.83 6.71 -17.40
N ASN C 221 17.01 5.47 -17.88
CA ASN C 221 16.92 4.29 -17.03
C ASN C 221 15.55 4.17 -16.34
N LYS C 222 14.50 4.61 -17.05
CA LYS C 222 13.16 4.71 -16.51
C LYS C 222 12.68 3.32 -16.09
N MET C 223 12.12 3.24 -14.88
CA MET C 223 11.71 1.99 -14.26
C MET C 223 10.23 2.01 -13.95
N VAL C 224 9.63 0.82 -13.93
CA VAL C 224 8.23 0.67 -13.53
C VAL C 224 8.08 -0.52 -12.59
N ASP C 225 6.98 -0.55 -11.83
CA ASP C 225 6.69 -1.65 -10.94
C ASP C 225 5.99 -2.76 -11.72
N SER C 226 6.60 -3.94 -11.75
CA SER C 226 6.04 -5.07 -12.47
C SER C 226 4.72 -5.56 -11.88
N LYS C 227 4.47 -5.22 -10.62
CA LYS C 227 3.20 -5.56 -9.98
C LYS C 227 2.00 -4.83 -10.60
N ASP C 228 2.23 -3.58 -11.04
CA ASP C 228 1.18 -2.62 -11.34
C ASP C 228 1.10 -2.14 -12.78
N VAL C 229 2.25 -2.07 -13.46
CA VAL C 229 2.35 -1.42 -14.76
C VAL C 229 1.50 -2.15 -15.81
N LYS C 230 0.77 -1.36 -16.61
CA LYS C 230 0.02 -1.91 -17.72
C LYS C 230 0.65 -1.47 -19.04
N ILE C 231 0.59 -2.36 -20.04
CA ILE C 231 1.18 -2.08 -21.34
C ILE C 231 0.10 -2.11 -22.41
N GLU C 232 0.11 -1.07 -23.25
CA GLU C 232 -0.79 -0.98 -24.39
C GLU C 232 -0.01 -0.58 -25.63
N VAL C 233 -0.33 -1.23 -26.76
CA VAL C 233 0.27 -0.91 -28.04
C VAL C 233 -0.83 -0.46 -29.01
N TYR C 234 -0.66 0.72 -29.58
CA TYR C 234 -1.57 1.25 -30.58
C TYR C 234 -0.92 1.25 -31.96
N LEU C 235 -1.50 0.50 -32.88
CA LEU C 235 -1.02 0.40 -34.25
C LEU C 235 -2.10 0.91 -35.20
N THR C 236 -1.68 1.58 -36.28
CA THR C 236 -2.59 1.86 -37.39
C THR C 236 -2.04 1.27 -38.69
N THR C 237 -2.94 0.82 -39.57
CA THR C 237 -2.59 0.11 -40.79
C THR C 237 -2.53 1.03 -42.00
N LYS C 238 -1.97 0.52 -43.10
CA LYS C 238 -1.76 1.29 -44.30
C LYS C 238 -2.95 1.31 -45.24
N VAL D 2 -20.57 -6.56 -19.57
CA VAL D 2 -20.16 -7.87 -19.05
C VAL D 2 -20.41 -7.96 -17.55
N GLN D 3 -21.03 -9.08 -17.13
CA GLN D 3 -21.36 -9.35 -15.75
C GLN D 3 -20.88 -10.75 -15.38
N LEU D 4 -20.44 -10.93 -14.13
CA LEU D 4 -19.87 -12.18 -13.68
C LEU D 4 -20.49 -12.53 -12.33
N VAL D 5 -21.17 -13.69 -12.26
CA VAL D 5 -21.85 -14.13 -11.06
C VAL D 5 -21.37 -15.55 -10.74
N GLU D 6 -20.66 -15.69 -9.62
CA GLU D 6 -20.09 -16.97 -9.23
C GLU D 6 -21.05 -17.76 -8.35
N SER D 7 -20.86 -19.08 -8.35
CA SER D 7 -21.60 -19.96 -7.47
C SER D 7 -20.74 -21.20 -7.18
N GLY D 8 -21.17 -22.02 -6.23
CA GLY D 8 -20.48 -23.26 -5.92
C GLY D 8 -19.61 -23.18 -4.67
N GLY D 9 -19.58 -22.00 -4.04
CA GLY D 9 -18.91 -21.87 -2.76
C GLY D 9 -19.61 -22.68 -1.67
N GLY D 10 -18.99 -22.74 -0.50
CA GLY D 10 -19.55 -23.42 0.66
C GLY D 10 -18.46 -23.74 1.68
N SER D 11 -18.80 -24.61 2.63
CA SER D 11 -17.89 -25.07 3.66
C SER D 11 -17.63 -26.57 3.55
N VAL D 12 -16.36 -26.96 3.71
CA VAL D 12 -15.97 -28.36 3.69
C VAL D 12 -14.84 -28.63 4.66
N GLN D 13 -14.74 -29.90 5.07
CA GLN D 13 -13.60 -30.35 5.85
C GLN D 13 -12.34 -30.31 5.00
N ALA D 14 -11.18 -30.17 5.66
CA ALA D 14 -9.91 -30.32 4.99
C ALA D 14 -9.91 -31.64 4.22
N GLY D 15 -9.25 -31.65 3.05
CA GLY D 15 -9.24 -32.80 2.19
C GLY D 15 -10.40 -32.85 1.20
N GLY D 16 -11.41 -31.98 1.40
CA GLY D 16 -12.62 -32.00 0.62
C GLY D 16 -12.52 -31.39 -0.78
N SER D 17 -13.70 -31.24 -1.42
CA SER D 17 -13.81 -30.74 -2.78
C SER D 17 -14.96 -29.76 -2.92
N LEU D 18 -14.76 -28.75 -3.77
CA LEU D 18 -15.80 -27.87 -4.24
C LEU D 18 -15.58 -27.61 -5.73
N ARG D 19 -16.65 -27.20 -6.42
CA ARG D 19 -16.62 -26.89 -7.83
C ARG D 19 -17.26 -25.52 -7.98
N LEU D 20 -16.42 -24.51 -8.26
CA LEU D 20 -16.89 -23.15 -8.47
C LEU D 20 -17.26 -22.99 -9.95
N SER D 21 -18.27 -22.16 -10.20
CA SER D 21 -18.82 -21.98 -11.53
C SER D 21 -19.12 -20.50 -11.74
N CYS D 22 -18.85 -20.00 -12.95
CA CYS D 22 -19.25 -18.65 -13.28
C CYS D 22 -19.71 -18.56 -14.74
N GLY D 23 -20.99 -18.18 -14.91
CA GLY D 23 -21.57 -17.91 -16.22
C GLY D 23 -21.46 -16.42 -16.58
N PRO D 24 -20.54 -16.05 -17.50
CA PRO D 24 -20.42 -14.64 -17.90
C PRO D 24 -21.56 -14.26 -18.83
N SER D 25 -22.16 -13.09 -18.59
CA SER D 25 -23.05 -12.50 -19.57
C SER D 25 -22.35 -11.30 -20.22
N GLY D 26 -22.76 -10.97 -21.44
CA GLY D 26 -22.28 -9.81 -22.14
C GLY D 26 -21.35 -10.13 -23.30
N TYR D 27 -20.90 -11.38 -23.40
CA TYR D 27 -20.00 -11.75 -24.48
C TYR D 27 -20.73 -12.27 -25.71
N SER D 28 -20.10 -12.09 -26.86
CA SER D 28 -20.57 -12.69 -28.11
C SER D 28 -20.09 -14.14 -28.17
N ASP D 29 -20.73 -14.91 -29.03
CA ASP D 29 -20.49 -16.33 -29.15
C ASP D 29 -19.04 -16.62 -29.53
N ASP D 30 -18.46 -15.78 -30.39
CA ASP D 30 -17.07 -15.94 -30.81
C ASP D 30 -16.10 -14.92 -30.20
N SER D 31 -16.44 -14.36 -29.02
CA SER D 31 -15.55 -13.45 -28.31
C SER D 31 -14.31 -14.19 -27.82
N ARG D 32 -13.13 -13.59 -28.06
CA ARG D 32 -11.88 -14.14 -27.58
C ARG D 32 -11.41 -13.32 -26.38
N PHE D 33 -11.39 -13.94 -25.20
CA PHE D 33 -11.04 -13.25 -23.97
C PHE D 33 -10.39 -14.21 -22.99
N SER D 34 -9.76 -13.64 -21.96
CA SER D 34 -9.16 -14.43 -20.90
C SER D 34 -10.00 -14.33 -19.63
N MET D 35 -9.91 -15.36 -18.78
CA MET D 35 -10.68 -15.44 -17.55
C MET D 35 -9.82 -16.05 -16.46
N GLY D 36 -10.13 -15.67 -15.21
CA GLY D 36 -9.40 -16.18 -14.07
C GLY D 36 -10.25 -16.29 -12.80
N TRP D 37 -9.71 -17.06 -11.85
CA TRP D 37 -10.19 -17.09 -10.49
C TRP D 37 -9.14 -16.41 -9.61
N PHE D 38 -9.63 -15.48 -8.79
CA PHE D 38 -8.83 -14.84 -7.77
C PHE D 38 -9.46 -15.18 -6.43
N ARG D 39 -8.69 -15.01 -5.35
CA ARG D 39 -9.21 -15.12 -4.01
C ARG D 39 -8.65 -14.04 -3.08
N GLN D 40 -9.42 -13.71 -2.05
CA GLN D 40 -9.04 -12.69 -1.09
C GLN D 40 -9.39 -13.18 0.31
N ALA D 41 -8.37 -13.52 1.10
CA ALA D 41 -8.55 -13.89 2.49
C ALA D 41 -8.81 -12.63 3.33
N PRO D 42 -9.36 -12.76 4.56
CA PRO D 42 -9.96 -11.63 5.29
C PRO D 42 -9.18 -10.30 5.32
N GLY D 43 -7.89 -10.36 5.67
CA GLY D 43 -7.06 -9.16 5.70
C GLY D 43 -5.82 -9.26 4.82
N LYS D 44 -5.99 -9.71 3.58
CA LYS D 44 -4.88 -9.97 2.69
C LYS D 44 -5.16 -9.44 1.29
N GLU D 45 -4.10 -9.30 0.49
CA GLU D 45 -4.21 -8.88 -0.90
C GLU D 45 -4.92 -9.95 -1.73
N ARG D 46 -5.65 -9.49 -2.74
CA ARG D 46 -6.29 -10.35 -3.71
C ARG D 46 -5.20 -11.08 -4.50
N GLU D 47 -5.37 -12.39 -4.69
CA GLU D 47 -4.33 -13.22 -5.28
C GLU D 47 -4.90 -14.02 -6.45
N GLY D 48 -4.18 -14.02 -7.58
CA GLY D 48 -4.54 -14.85 -8.72
C GLY D 48 -4.32 -16.33 -8.40
N VAL D 49 -5.34 -17.15 -8.70
CA VAL D 49 -5.33 -18.58 -8.42
C VAL D 49 -5.08 -19.40 -9.67
N ALA D 50 -5.87 -19.12 -10.71
CA ALA D 50 -5.79 -19.85 -11.95
C ALA D 50 -6.39 -18.99 -13.06
N VAL D 51 -5.80 -19.07 -14.26
CA VAL D 51 -6.29 -18.33 -15.41
C VAL D 51 -6.27 -19.22 -16.65
N ILE D 52 -7.15 -18.88 -17.60
CA ILE D 52 -7.17 -19.55 -18.88
C ILE D 52 -7.30 -18.48 -19.97
N ASN D 53 -6.58 -18.65 -21.08
CA ASN D 53 -6.67 -17.73 -22.19
C ASN D 53 -7.65 -18.28 -23.22
N SER D 54 -7.84 -17.55 -24.34
CA SER D 54 -8.91 -17.87 -25.27
C SER D 54 -8.71 -19.16 -26.06
N HIS D 55 -7.47 -19.67 -26.13
CA HIS D 55 -7.21 -20.95 -26.77
C HIS D 55 -6.92 -22.07 -25.77
N GLY D 56 -7.26 -21.81 -24.49
CA GLY D 56 -7.38 -22.87 -23.49
C GLY D 56 -6.11 -23.14 -22.69
N ASP D 57 -5.06 -22.34 -22.91
CA ASP D 57 -3.83 -22.49 -22.14
C ASP D 57 -4.05 -21.84 -20.79
N THR D 58 -3.39 -22.39 -19.76
CA THR D 58 -3.65 -22.06 -18.38
C THR D 58 -2.38 -21.64 -17.64
N ALA D 59 -2.57 -20.97 -16.50
CA ALA D 59 -1.50 -20.78 -15.54
C ALA D 59 -2.13 -20.88 -14.14
N TYR D 60 -1.32 -21.31 -13.17
CA TYR D 60 -1.77 -21.44 -11.80
C TYR D 60 -0.75 -20.84 -10.81
N ALA D 61 -1.25 -20.30 -9.69
CA ALA D 61 -0.40 -20.00 -8.56
C ALA D 61 0.21 -21.29 -8.03
N ASP D 62 1.49 -21.26 -7.62
CA ASP D 62 2.16 -22.46 -7.16
C ASP D 62 1.40 -23.20 -6.06
N SER D 63 0.77 -22.45 -5.14
CA SER D 63 0.11 -23.06 -3.99
C SER D 63 -1.11 -23.93 -4.32
N VAL D 64 -1.64 -23.82 -5.55
CA VAL D 64 -2.80 -24.63 -5.93
C VAL D 64 -2.50 -25.66 -7.02
N LYS D 65 -1.30 -25.61 -7.64
CA LYS D 65 -0.98 -26.54 -8.71
C LYS D 65 -1.23 -27.99 -8.29
N GLY D 66 -1.84 -28.76 -9.19
CA GLY D 66 -2.10 -30.17 -8.96
C GLY D 66 -3.34 -30.43 -8.10
N ARG D 67 -3.92 -29.37 -7.53
CA ARG D 67 -5.09 -29.51 -6.68
C ARG D 67 -6.33 -28.86 -7.30
N PHE D 68 -6.14 -27.70 -7.93
CA PHE D 68 -7.21 -26.96 -8.57
C PHE D 68 -7.05 -27.01 -10.08
N THR D 69 -8.17 -27.10 -10.79
CA THR D 69 -8.17 -27.16 -12.24
C THR D 69 -9.18 -26.14 -12.77
N ILE D 70 -8.69 -25.25 -13.63
CA ILE D 70 -9.56 -24.29 -14.30
C ILE D 70 -9.88 -24.82 -15.70
N SER D 71 -11.13 -24.65 -16.11
CA SER D 71 -11.57 -25.08 -17.43
C SER D 71 -12.82 -24.29 -17.83
N LYS D 72 -13.15 -24.38 -19.11
CA LYS D 72 -14.48 -24.05 -19.61
C LYS D 72 -15.42 -25.24 -19.46
N ASP D 73 -16.71 -24.94 -19.25
CA ASP D 73 -17.75 -25.95 -19.17
C ASP D 73 -18.11 -26.35 -20.60
N ASN D 74 -17.79 -27.61 -20.94
CA ASN D 74 -17.57 -28.04 -22.33
C ASN D 74 -18.75 -27.74 -23.25
N GLY D 75 -18.53 -26.80 -24.17
CA GLY D 75 -19.57 -26.35 -25.08
C GLY D 75 -20.04 -24.93 -24.81
N ARG D 76 -19.63 -24.37 -23.67
CA ARG D 76 -20.04 -23.04 -23.26
C ARG D 76 -18.87 -22.19 -22.75
N ASN D 77 -19.14 -20.92 -22.48
CA ASN D 77 -18.14 -19.99 -21.92
C ASN D 77 -18.06 -20.08 -20.40
N THR D 78 -18.93 -20.88 -19.75
CA THR D 78 -18.95 -20.98 -18.31
C THR D 78 -17.60 -21.41 -17.77
N LEU D 79 -17.10 -20.71 -16.74
CA LEU D 79 -15.79 -20.98 -16.19
C LEU D 79 -15.97 -21.84 -14.94
N ILE D 80 -15.13 -22.87 -14.83
CA ILE D 80 -15.16 -23.84 -13.75
C ILE D 80 -13.83 -23.80 -13.01
N LEU D 81 -13.89 -23.86 -11.67
CA LEU D 81 -12.71 -24.14 -10.87
C LEU D 81 -13.05 -25.38 -10.07
N GLN D 82 -12.40 -26.49 -10.42
CA GLN D 82 -12.54 -27.74 -9.68
C GLN D 82 -11.47 -27.71 -8.60
N MET D 83 -11.90 -27.71 -7.33
CA MET D 83 -11.01 -27.52 -6.20
C MET D 83 -10.94 -28.83 -5.39
N ASN D 84 -9.83 -29.54 -5.50
CA ASN D 84 -9.62 -30.79 -4.76
C ASN D 84 -8.58 -30.60 -3.65
N SER D 85 -8.59 -31.52 -2.68
CA SER D 85 -7.61 -31.54 -1.60
C SER D 85 -7.52 -30.20 -0.89
N LEU D 86 -8.69 -29.62 -0.63
CA LEU D 86 -8.78 -28.29 -0.02
C LEU D 86 -8.10 -28.26 1.35
N LYS D 87 -7.45 -27.15 1.65
CA LYS D 87 -6.76 -26.93 2.92
C LYS D 87 -7.36 -25.72 3.61
N PRO D 88 -7.21 -25.56 4.95
CA PRO D 88 -7.65 -24.34 5.64
C PRO D 88 -7.12 -23.06 5.01
N GLU D 89 -5.87 -23.10 4.51
CA GLU D 89 -5.24 -21.95 3.88
C GLU D 89 -5.98 -21.49 2.62
N ASP D 90 -6.83 -22.36 2.07
CA ASP D 90 -7.59 -22.02 0.88
C ASP D 90 -8.84 -21.19 1.19
N THR D 91 -9.17 -21.05 2.48
CA THR D 91 -10.30 -20.23 2.90
C THR D 91 -10.15 -18.80 2.41
N ALA D 92 -11.17 -18.30 1.70
CA ALA D 92 -11.17 -16.97 1.14
C ALA D 92 -12.49 -16.73 0.41
N ILE D 93 -12.68 -15.48 -0.04
CA ILE D 93 -13.70 -15.16 -1.02
C ILE D 93 -13.07 -15.37 -2.39
N TYR D 94 -13.65 -16.27 -3.18
CA TYR D 94 -13.19 -16.53 -4.54
C TYR D 94 -14.01 -15.72 -5.54
N VAL D 95 -13.30 -15.09 -6.49
CA VAL D 95 -13.93 -14.14 -7.39
C VAL D 95 -13.44 -14.40 -8.80
N CYS D 96 -14.39 -14.40 -9.73
CA CYS D 96 -14.13 -14.54 -11.15
C CYS D 96 -13.80 -13.17 -11.73
N ALA D 97 -12.91 -13.18 -12.73
CA ALA D 97 -12.48 -11.98 -13.41
C ALA D 97 -12.30 -12.31 -14.88
N SER D 98 -12.60 -11.33 -15.72
CA SER D 98 -12.54 -11.56 -17.18
C SER D 98 -11.90 -10.36 -17.87
N THR D 99 -11.75 -10.45 -19.17
CA THR D 99 -11.04 -9.43 -19.95
C THR D 99 -11.92 -9.01 -21.08
N ARG D 100 -11.68 -7.83 -21.61
CA ARG D 100 -12.39 -7.36 -22.81
C ARG D 100 -12.03 -8.30 -23.96
N ALA D 101 -12.96 -8.49 -24.87
CA ALA D 101 -12.73 -9.36 -26.05
C ALA D 101 -11.78 -8.78 -27.09
N TYR D 102 -11.12 -9.65 -27.82
CA TYR D 102 -10.21 -9.28 -28.89
C TYR D 102 -10.62 -9.96 -30.19
N GLN D 103 -10.28 -9.34 -31.33
CA GLN D 103 -10.64 -9.87 -32.63
C GLN D 103 -9.94 -11.21 -32.91
N LEU D 104 -8.64 -11.25 -32.64
CA LEU D 104 -7.81 -12.35 -33.07
C LEU D 104 -7.67 -13.40 -31.96
N TYR D 105 -7.15 -13.00 -30.80
CA TYR D 105 -7.04 -13.89 -29.66
C TYR D 105 -6.67 -13.12 -28.40
N SER D 106 -7.05 -13.68 -27.25
CA SER D 106 -6.60 -13.22 -25.96
C SER D 106 -5.58 -14.24 -25.45
N GLY D 107 -4.30 -14.01 -25.76
CA GLY D 107 -3.22 -14.90 -25.37
C GLY D 107 -2.78 -14.80 -23.90
N SER D 108 -3.10 -13.68 -23.24
CA SER D 108 -2.56 -13.45 -21.91
C SER D 108 -3.08 -14.43 -20.86
N ARG D 109 -2.17 -14.88 -19.99
CA ARG D 109 -2.49 -15.70 -18.84
C ARG D 109 -1.98 -15.00 -17.59
N SER D 110 -2.34 -13.72 -17.43
CA SER D 110 -1.87 -12.94 -16.30
C SER D 110 -2.54 -13.38 -15.01
N LEU D 111 -1.77 -13.39 -13.93
CA LEU D 111 -2.29 -13.62 -12.59
C LEU D 111 -2.34 -12.33 -11.78
N ARG D 112 -2.11 -11.18 -12.44
CA ARG D 112 -2.15 -9.89 -11.78
C ARG D 112 -3.57 -9.32 -11.85
N PRO D 113 -4.17 -8.91 -10.72
CA PRO D 113 -5.49 -8.28 -10.75
C PRO D 113 -5.67 -7.13 -11.73
N VAL D 114 -4.65 -6.26 -11.85
CA VAL D 114 -4.74 -5.10 -12.70
C VAL D 114 -5.00 -5.42 -14.17
N ASP D 115 -4.65 -6.64 -14.60
CA ASP D 115 -4.81 -7.05 -15.98
C ASP D 115 -6.22 -7.51 -16.38
N TYR D 116 -7.18 -7.47 -15.45
CA TYR D 116 -8.55 -7.86 -15.73
C TYR D 116 -9.45 -6.64 -15.77
N ASP D 117 -10.54 -6.73 -16.54
CA ASP D 117 -11.42 -5.59 -16.80
C ASP D 117 -12.78 -5.74 -16.11
N TYR D 118 -13.16 -6.99 -15.81
CA TYR D 118 -14.45 -7.28 -15.22
C TYR D 118 -14.28 -8.17 -14.00
N TRP D 119 -15.07 -7.91 -12.95
CA TRP D 119 -14.99 -8.63 -11.69
C TRP D 119 -16.36 -9.07 -11.22
N GLY D 120 -16.43 -10.29 -10.69
CA GLY D 120 -17.65 -10.79 -10.09
C GLY D 120 -17.86 -10.32 -8.65
N GLN D 121 -18.83 -10.97 -8.00
CA GLN D 121 -19.29 -10.63 -6.67
C GLN D 121 -18.49 -11.39 -5.61
N GLY D 122 -17.97 -12.55 -5.98
CA GLY D 122 -17.28 -13.42 -5.04
C GLY D 122 -18.22 -14.47 -4.43
N THR D 123 -17.64 -15.61 -4.07
CA THR D 123 -18.35 -16.67 -3.38
C THR D 123 -17.44 -17.18 -2.26
N GLN D 124 -18.00 -17.35 -1.06
CA GLN D 124 -17.22 -17.70 0.12
C GLN D 124 -16.87 -19.18 0.08
N VAL D 125 -15.59 -19.48 0.32
CA VAL D 125 -15.12 -20.84 0.51
C VAL D 125 -14.48 -20.92 1.89
N THR D 126 -14.93 -21.88 2.70
CA THR D 126 -14.42 -22.05 4.05
C THR D 126 -13.99 -23.51 4.23
N VAL D 127 -12.74 -23.70 4.64
CA VAL D 127 -12.20 -25.04 4.85
C VAL D 127 -11.67 -25.15 6.27
N SER D 128 -12.05 -26.24 6.95
CA SER D 128 -11.48 -26.54 8.26
C SER D 128 -11.51 -28.02 8.58
#